data_5Y82
#
_entry.id   5Y82
#
_cell.length_a   79.952
_cell.length_b   79.952
_cell.length_c   135.825
_cell.angle_alpha   90.000
_cell.angle_beta   90.000
_cell.angle_gamma   90.000
#
_symmetry.space_group_name_H-M   'P 41'
#
loop_
_entity.id
_entity.type
_entity.pdbx_description
1 polymer 'Membrane protein insertase YidC'
2 water water
#
_entity_poly.entity_id   1
_entity_poly.type   'polypeptide(L)'
_entity_poly.pdbx_seq_one_letter_code
;IKVVRSEKEIVVLTRFEEYHFDLEKGILKDFYTMVDGRKHVFTYGNDGFDVLDEGTPLTVIEEPIVTGVGKVSEGFSDEV
SMVYNYGYVKKIFTIKNNENYTFFVDIESSKPVDVTVPRVSVDTSTDRYMENYFASFNPKTRTLVLLKHDEGLLFEGTLK
VNGQKRFIVFMGPNKRTLIKKAFPEDYDVLIKALVNIPGHHHHHH
;
_entity_poly.pdbx_strand_id   D,A,B,C
#
# COMPACT_ATOMS: atom_id res chain seq x y z
N ILE A 1 -5.52 -27.64 5.11
CA ILE A 1 -6.15 -27.53 6.43
C ILE A 1 -5.86 -28.77 7.28
N LYS A 2 -5.78 -29.95 6.68
CA LYS A 2 -5.37 -31.15 7.40
C LYS A 2 -4.07 -31.67 6.80
N VAL A 3 -3.10 -32.00 7.64
CA VAL A 3 -1.82 -32.52 7.19
C VAL A 3 -1.61 -33.91 7.80
N VAL A 4 -1.21 -34.86 6.96
CA VAL A 4 -0.94 -36.24 7.37
C VAL A 4 0.45 -36.62 6.88
N ARG A 5 1.40 -36.74 7.80
CA ARG A 5 2.77 -37.14 7.51
C ARG A 5 2.93 -38.64 7.76
N SER A 6 3.42 -39.38 6.75
CA SER A 6 3.32 -40.83 6.77
C SER A 6 4.65 -41.52 6.59
N GLU A 7 5.75 -40.87 7.00
CA GLU A 7 7.11 -41.40 6.90
C GLU A 7 7.48 -41.82 5.47
N LYS A 8 6.53 -41.68 4.53
CA LYS A 8 6.76 -41.84 3.10
C LYS A 8 6.25 -40.69 2.26
N GLU A 9 5.30 -39.90 2.75
CA GLU A 9 4.76 -38.76 2.01
C GLU A 9 3.99 -37.88 2.98
N ILE A 10 3.76 -36.64 2.54
CA ILE A 10 2.96 -35.67 3.28
C ILE A 10 1.70 -35.42 2.47
N VAL A 11 0.54 -35.46 3.13
CA VAL A 11 -0.73 -35.27 2.46
C VAL A 11 -1.38 -34.03 3.06
N VAL A 12 -1.84 -33.13 2.19
CA VAL A 12 -2.55 -31.92 2.60
C VAL A 12 -3.96 -32.01 2.05
N LEU A 13 -4.95 -31.71 2.90
CA LEU A 13 -6.35 -31.95 2.62
C LEU A 13 -7.17 -30.74 3.03
N THR A 14 -7.78 -30.07 2.06
CA THR A 14 -8.80 -29.08 2.30
C THR A 14 -10.15 -29.68 1.89
N ARG A 15 -11.17 -28.84 1.77
CA ARG A 15 -12.47 -29.34 1.35
C ARG A 15 -12.50 -29.77 -0.11
N PHE A 16 -11.65 -29.20 -0.98
CA PHE A 16 -11.70 -29.53 -2.40
C PHE A 16 -10.37 -30.02 -2.98
N GLU A 17 -9.32 -30.12 -2.17
CA GLU A 17 -7.99 -30.43 -2.68
C GLU A 17 -7.32 -31.47 -1.80
N GLU A 18 -6.55 -32.34 -2.45
CA GLU A 18 -5.76 -33.37 -1.76
C GLU A 18 -4.40 -33.45 -2.47
N TYR A 19 -3.38 -32.89 -1.83
CA TYR A 19 -2.02 -32.87 -2.33
C TYR A 19 -1.22 -34.00 -1.69
N HIS A 20 -0.43 -34.68 -2.50
CA HIS A 20 0.50 -35.72 -2.06
C HIS A 20 1.90 -35.28 -2.47
N PHE A 21 2.74 -34.99 -1.47
CA PHE A 21 4.14 -34.62 -1.64
C PHE A 21 5.06 -35.70 -1.11
N ASP A 22 6.20 -35.90 -1.77
CA ASP A 22 7.17 -36.85 -1.28
C ASP A 22 8.06 -36.20 -0.22
N LEU A 23 9.02 -36.97 0.29
CA LEU A 23 9.92 -36.47 1.32
C LEU A 23 11.36 -36.32 0.86
N GLU A 24 11.78 -37.06 -0.18
CA GLU A 24 13.17 -37.10 -0.60
C GLU A 24 13.50 -36.07 -1.67
N LYS A 25 12.57 -35.83 -2.59
CA LYS A 25 12.81 -34.97 -3.74
C LYS A 25 12.03 -33.67 -3.70
N GLY A 26 11.14 -33.48 -2.73
CA GLY A 26 10.31 -32.29 -2.73
C GLY A 26 9.41 -32.14 -3.93
N ILE A 27 8.84 -33.24 -4.41
CA ILE A 27 8.04 -33.20 -5.62
C ILE A 27 6.56 -33.33 -5.27
N LEU A 28 5.72 -32.80 -6.15
CA LEU A 28 4.30 -33.09 -6.08
C LEU A 28 4.09 -34.47 -6.68
N LYS A 29 3.64 -35.42 -5.86
CA LYS A 29 3.44 -36.79 -6.33
C LYS A 29 2.06 -36.95 -6.92
N ASP A 30 1.04 -36.43 -6.24
CA ASP A 30 -0.32 -36.62 -6.74
C ASP A 30 -1.20 -35.45 -6.32
N PHE A 31 -2.21 -35.18 -7.13
CA PHE A 31 -3.19 -34.16 -6.78
C PHE A 31 -4.59 -34.64 -7.14
N TYR A 32 -5.50 -34.47 -6.19
CA TYR A 32 -6.91 -34.83 -6.32
C TYR A 32 -7.77 -33.61 -6.07
N THR A 33 -8.69 -33.33 -6.98
CA THR A 33 -9.82 -32.47 -6.66
C THR A 33 -10.96 -33.34 -6.13
N MET A 34 -11.82 -32.71 -5.33
CA MET A 34 -12.90 -33.41 -4.67
C MET A 34 -14.22 -32.65 -4.74
N VAL A 35 -14.30 -31.65 -5.63
CA VAL A 35 -15.53 -30.89 -5.74
C VAL A 35 -16.61 -31.73 -6.42
N ASP A 36 -16.22 -32.67 -7.28
CA ASP A 36 -17.18 -33.54 -7.94
C ASP A 36 -16.83 -35.00 -7.67
N GLY A 37 -16.63 -35.33 -6.40
CA GLY A 37 -16.08 -36.62 -6.05
C GLY A 37 -14.57 -36.65 -6.22
N ARG A 38 -13.94 -37.57 -5.55
CA ARG A 38 -12.50 -37.67 -5.56
C ARG A 38 -12.10 -37.98 -6.96
N LYS A 39 -11.40 -37.06 -7.59
CA LYS A 39 -11.03 -37.22 -8.99
C LYS A 39 -9.51 -37.06 -9.08
N HIS A 40 -8.83 -38.11 -9.55
CA HIS A 40 -7.37 -38.09 -9.67
C HIS A 40 -7.03 -37.30 -10.92
N VAL A 41 -6.52 -36.08 -10.74
CA VAL A 41 -6.29 -35.20 -11.88
C VAL A 41 -4.82 -34.96 -12.15
N PHE A 42 -3.94 -35.13 -11.17
CA PHE A 42 -2.52 -35.02 -11.46
C PHE A 42 -1.77 -36.20 -10.88
N THR A 43 -0.89 -36.78 -11.68
CA THR A 43 0.04 -37.78 -11.22
C THR A 43 1.44 -37.38 -11.68
N TYR A 44 2.40 -37.55 -10.78
CA TYR A 44 3.78 -37.12 -11.05
C TYR A 44 4.35 -37.89 -12.23
N GLY A 45 4.64 -37.18 -13.31
CA GLY A 45 5.45 -37.76 -14.37
C GLY A 45 6.90 -37.57 -14.06
N ASN A 46 7.48 -36.52 -14.63
CA ASN A 46 8.80 -36.03 -14.27
C ASN A 46 8.71 -34.53 -14.05
N ASP A 47 7.61 -34.10 -13.44
CA ASP A 47 7.23 -32.70 -13.54
C ASP A 47 6.52 -32.22 -12.28
N GLY A 48 6.81 -32.84 -11.15
CA GLY A 48 6.16 -32.40 -9.94
C GLY A 48 6.98 -31.39 -9.18
N PHE A 49 7.57 -30.43 -9.92
CA PHE A 49 8.47 -29.42 -9.37
C PHE A 49 9.84 -29.99 -9.00
N ASP A 50 10.33 -30.97 -9.77
CA ASP A 50 11.71 -31.43 -9.61
C ASP A 50 12.69 -30.28 -9.78
N VAL A 51 13.70 -30.23 -8.92
CA VAL A 51 14.81 -29.29 -9.03
C VAL A 51 15.94 -29.98 -9.79
N LEU A 52 16.31 -29.44 -10.95
CA LEU A 52 17.37 -30.02 -11.79
C LEU A 52 18.61 -29.13 -11.73
N ASP A 53 19.75 -29.71 -11.34
CA ASP A 53 20.99 -28.94 -11.32
C ASP A 53 21.59 -28.81 -12.72
N GLU A 54 21.74 -29.92 -13.43
CA GLU A 54 21.98 -29.83 -14.86
C GLU A 54 20.75 -30.38 -15.55
N GLY A 55 20.76 -31.69 -15.77
CA GLY A 55 19.54 -32.44 -15.95
C GLY A 55 19.46 -33.38 -14.77
N THR A 56 20.22 -33.03 -13.71
CA THR A 56 20.37 -33.89 -12.55
C THR A 56 19.38 -33.50 -11.46
N PRO A 57 18.38 -34.32 -11.16
CA PRO A 57 17.47 -33.98 -10.06
C PRO A 57 18.19 -34.01 -8.71
N LEU A 58 17.76 -33.10 -7.83
CA LEU A 58 18.36 -32.94 -6.52
C LEU A 58 17.45 -33.53 -5.43
N THR A 59 18.06 -33.98 -4.34
CA THR A 59 17.32 -34.42 -3.17
C THR A 59 17.56 -33.45 -2.02
N VAL A 60 16.58 -33.35 -1.11
CA VAL A 60 16.76 -32.46 0.02
C VAL A 60 17.86 -33.00 0.92
N ILE A 61 18.57 -32.09 1.59
CA ILE A 61 19.62 -32.51 2.51
C ILE A 61 19.08 -32.82 3.90
N GLU A 62 17.83 -32.47 4.17
CA GLU A 62 17.18 -32.77 5.43
C GLU A 62 15.70 -33.01 5.16
N GLU A 63 15.07 -33.68 6.10
CA GLU A 63 13.64 -33.94 6.01
C GLU A 63 12.88 -32.61 5.96
N PRO A 64 11.77 -32.57 5.24
CA PRO A 64 11.02 -31.31 5.10
C PRO A 64 10.39 -30.90 6.41
N ILE A 65 10.18 -29.59 6.56
CA ILE A 65 9.54 -29.02 7.74
C ILE A 65 8.12 -28.61 7.37
N VAL A 66 7.17 -28.89 8.26
CA VAL A 66 5.78 -28.48 8.09
C VAL A 66 5.44 -27.43 9.14
N THR A 67 4.95 -26.27 8.68
CA THR A 67 4.65 -25.11 9.52
C THR A 67 3.30 -24.55 9.11
N GLY A 68 2.86 -23.51 9.81
CA GLY A 68 1.63 -22.85 9.46
C GLY A 68 1.10 -22.03 10.60
N VAL A 69 0.05 -21.27 10.31
CA VAL A 69 -0.54 -20.35 11.28
C VAL A 69 -1.92 -20.87 11.67
N GLY A 70 -2.26 -20.66 12.94
CA GLY A 70 -3.53 -21.10 13.47
C GLY A 70 -3.62 -22.60 13.65
N LYS A 71 -2.68 -23.17 14.41
CA LYS A 71 -2.60 -24.62 14.59
C LYS A 71 -3.86 -25.16 15.26
N VAL A 72 -4.78 -25.71 14.46
CA VAL A 72 -6.03 -26.25 14.96
C VAL A 72 -5.80 -27.71 15.37
N SER A 73 -6.85 -28.36 15.89
CA SER A 73 -6.76 -29.76 16.28
C SER A 73 -6.27 -30.63 15.12
N GLU A 74 -6.73 -30.32 13.90
CA GLU A 74 -6.31 -31.03 12.70
C GLU A 74 -5.33 -30.14 11.95
N GLY A 75 -4.06 -30.21 12.34
CA GLY A 75 -3.02 -29.48 11.65
C GLY A 75 -3.12 -27.97 11.75
N PHE A 76 -3.60 -27.33 10.69
CA PHE A 76 -3.66 -25.87 10.63
C PHE A 76 -5.01 -25.43 10.08
N SER A 77 -5.35 -24.18 10.38
CA SER A 77 -6.66 -23.65 10.05
C SER A 77 -6.69 -22.85 8.75
N ASP A 78 -5.66 -22.05 8.48
CA ASP A 78 -5.69 -21.17 7.32
C ASP A 78 -4.45 -21.21 6.44
N GLU A 79 -3.37 -21.84 6.87
CA GLU A 79 -2.12 -21.83 6.12
C GLU A 79 -1.30 -23.05 6.48
N VAL A 80 -0.81 -23.74 5.47
CA VAL A 80 0.15 -24.82 5.66
C VAL A 80 1.34 -24.55 4.75
N SER A 81 2.54 -24.73 5.27
CA SER A 81 3.75 -24.56 4.47
C SER A 81 4.68 -25.74 4.68
N MET A 82 5.31 -26.16 3.58
CA MET A 82 6.29 -27.23 3.61
C MET A 82 7.60 -26.69 3.05
N VAL A 83 8.65 -26.78 3.86
CA VAL A 83 9.98 -26.33 3.49
C VAL A 83 10.81 -27.54 3.10
N TYR A 84 11.38 -27.47 1.91
CA TYR A 84 12.31 -28.43 1.36
C TYR A 84 13.66 -27.72 1.21
N ASN A 85 14.69 -28.30 1.80
CA ASN A 85 16.00 -27.66 1.87
C ASN A 85 16.98 -28.55 1.12
N TYR A 86 17.34 -28.14 -0.10
CA TYR A 86 18.32 -28.85 -0.90
C TYR A 86 19.74 -28.39 -0.62
N GLY A 87 19.94 -27.62 0.44
CA GLY A 87 21.25 -27.08 0.73
C GLY A 87 21.42 -25.74 0.08
N TYR A 88 21.68 -25.75 -1.22
CA TYR A 88 21.80 -24.53 -2.00
C TYR A 88 20.51 -24.16 -2.72
N VAL A 89 19.42 -24.88 -2.46
CA VAL A 89 18.09 -24.52 -2.96
C VAL A 89 17.08 -24.73 -1.84
N LYS A 90 16.26 -23.72 -1.60
CA LYS A 90 15.12 -23.81 -0.70
C LYS A 90 13.84 -23.74 -1.54
N LYS A 91 12.86 -24.56 -1.19
CA LYS A 91 11.58 -24.60 -1.90
C LYS A 91 10.47 -24.75 -0.88
N ILE A 92 9.55 -23.80 -0.84
CA ILE A 92 8.50 -23.77 0.16
C ILE A 92 7.17 -23.79 -0.56
N PHE A 93 6.44 -24.87 -0.40
CA PHE A 93 5.05 -24.90 -0.84
C PHE A 93 4.18 -24.23 0.23
N THR A 94 3.20 -23.44 -0.20
CA THR A 94 2.23 -22.85 0.73
C THR A 94 0.82 -23.06 0.19
N ILE A 95 -0.05 -23.61 1.03
CA ILE A 95 -1.45 -23.84 0.73
C ILE A 95 -2.29 -23.06 1.74
N LYS A 96 -2.98 -22.04 1.26
CA LYS A 96 -3.85 -21.23 2.10
C LYS A 96 -5.29 -21.70 1.95
N ASN A 97 -6.07 -21.48 2.99
CA ASN A 97 -7.47 -21.92 3.04
C ASN A 97 -8.39 -21.03 2.24
N ASN A 98 -7.91 -20.49 1.10
CA ASN A 98 -8.72 -19.64 0.24
C ASN A 98 -9.75 -20.39 -0.57
N GLU A 99 -9.70 -21.72 -0.56
CA GLU A 99 -10.59 -22.56 -1.37
C GLU A 99 -10.61 -22.08 -2.82
N ASN A 100 -9.42 -21.90 -3.38
CA ASN A 100 -9.28 -21.34 -4.72
C ASN A 100 -8.41 -22.22 -5.62
N TYR A 101 -8.04 -23.42 -5.18
CA TYR A 101 -7.20 -24.33 -5.98
C TYR A 101 -5.86 -23.68 -6.32
N THR A 102 -5.46 -22.71 -5.52
CA THR A 102 -4.28 -21.87 -5.76
C THR A 102 -3.30 -22.11 -4.62
N PHE A 103 -2.10 -22.54 -4.96
CA PHE A 103 -1.01 -22.64 -4.01
C PHE A 103 0.21 -21.88 -4.54
N PHE A 104 1.18 -21.69 -3.65
CA PHE A 104 2.34 -20.87 -3.94
C PHE A 104 3.59 -21.71 -3.78
N VAL A 105 4.58 -21.45 -4.61
CA VAL A 105 5.87 -22.13 -4.54
C VAL A 105 6.91 -21.03 -4.48
N ASP A 106 7.40 -20.77 -3.27
CA ASP A 106 8.48 -19.81 -3.04
C ASP A 106 9.80 -20.55 -3.15
N ILE A 107 10.73 -20.00 -3.91
CA ILE A 107 11.95 -20.74 -4.25
C ILE A 107 13.13 -19.79 -4.16
N GLU A 108 14.26 -20.32 -3.67
CA GLU A 108 15.47 -19.52 -3.57
C GLU A 108 16.67 -20.42 -3.83
N SER A 109 17.55 -20.00 -4.73
CA SER A 109 18.71 -20.82 -5.05
C SER A 109 19.98 -19.97 -4.98
N SER A 110 21.10 -20.67 -4.81
CA SER A 110 22.43 -20.05 -4.87
C SER A 110 23.05 -20.12 -6.24
N LYS A 111 22.65 -21.09 -7.06
CA LYS A 111 23.10 -21.19 -8.43
C LYS A 111 21.87 -21.47 -9.29
N PRO A 112 21.97 -21.19 -10.60
CA PRO A 112 20.78 -21.39 -11.46
C PRO A 112 20.36 -22.85 -11.49
N VAL A 113 19.09 -23.10 -11.19
CA VAL A 113 18.51 -24.42 -11.26
C VAL A 113 17.30 -24.37 -12.18
N ASP A 114 16.77 -25.54 -12.50
CA ASP A 114 15.58 -25.67 -13.32
C ASP A 114 14.55 -26.49 -12.56
N VAL A 115 13.32 -25.98 -12.48
CA VAL A 115 12.23 -26.66 -11.80
C VAL A 115 11.19 -27.08 -12.84
N THR A 116 10.91 -28.36 -12.90
CA THR A 116 9.89 -28.83 -13.84
C THR A 116 8.51 -28.35 -13.40
N VAL A 117 7.61 -28.27 -14.37
CA VAL A 117 6.27 -27.68 -14.19
C VAL A 117 5.25 -28.80 -14.37
N PRO A 118 4.30 -28.95 -13.46
CA PRO A 118 3.29 -29.99 -13.61
C PRO A 118 2.44 -29.79 -14.86
N ARG A 119 2.11 -30.90 -15.52
CA ARG A 119 1.16 -30.91 -16.61
C ARG A 119 0.01 -31.84 -16.26
N VAL A 120 -1.20 -31.45 -16.67
CA VAL A 120 -2.36 -32.33 -16.58
C VAL A 120 -2.80 -32.88 -17.93
N SER A 121 -2.16 -32.45 -19.02
CA SER A 121 -2.62 -32.81 -20.36
C SER A 121 -2.05 -34.15 -20.79
N VAL A 122 -2.81 -34.85 -21.63
CA VAL A 122 -2.32 -36.09 -22.21
C VAL A 122 -1.22 -35.81 -23.23
N ASP A 123 -1.43 -34.81 -24.09
CA ASP A 123 -0.48 -34.44 -25.11
C ASP A 123 -0.28 -32.93 -25.09
N THR A 124 0.75 -32.48 -25.81
CA THR A 124 1.08 -31.06 -25.88
C THR A 124 0.01 -30.26 -26.62
N SER A 125 -1.01 -30.92 -27.17
CA SER A 125 -2.03 -30.23 -27.95
C SER A 125 -2.77 -29.18 -27.12
N THR A 126 -3.12 -29.51 -25.89
CA THR A 126 -3.91 -28.64 -25.02
C THR A 126 -3.05 -27.83 -24.04
N ASP A 127 -1.80 -27.54 -24.40
CA ASP A 127 -0.91 -26.69 -23.61
C ASP A 127 -0.66 -25.36 -24.34
N ARG A 128 -0.39 -24.31 -23.57
CA ARG A 128 -0.12 -22.99 -24.11
C ARG A 128 1.00 -22.31 -23.32
N TYR A 129 2.02 -21.84 -24.04
CA TYR A 129 3.12 -21.04 -23.49
C TYR A 129 2.77 -19.58 -23.74
N MET A 130 2.19 -18.94 -22.75
CA MET A 130 1.75 -17.56 -22.86
C MET A 130 2.69 -16.62 -22.10
N GLU A 131 2.50 -15.33 -22.35
CA GLU A 131 3.27 -14.29 -21.68
C GLU A 131 3.18 -14.50 -20.17
N ASN A 132 4.30 -14.81 -19.52
CA ASN A 132 4.40 -14.98 -18.07
C ASN A 132 3.61 -16.16 -17.51
N TYR A 133 3.02 -17.01 -18.36
CA TYR A 133 2.11 -18.03 -17.84
C TYR A 133 2.21 -19.31 -18.64
N PHE A 134 2.28 -20.43 -17.95
CA PHE A 134 2.14 -21.74 -18.57
C PHE A 134 0.73 -22.25 -18.31
N ALA A 135 0.08 -22.78 -19.34
CA ALA A 135 -1.28 -23.28 -19.24
C ALA A 135 -1.33 -24.72 -19.72
N SER A 136 -1.84 -25.61 -18.88
CA SER A 136 -2.05 -27.00 -19.27
C SER A 136 -3.49 -27.35 -18.98
N PHE A 137 -4.15 -28.01 -19.94
CA PHE A 137 -5.56 -28.32 -19.77
C PHE A 137 -5.79 -29.79 -20.12
N ASN A 138 -6.62 -30.48 -19.34
CA ASN A 138 -7.00 -31.84 -19.70
C ASN A 138 -8.49 -31.90 -20.04
N PRO A 139 -8.83 -32.17 -21.30
CA PRO A 139 -10.25 -32.14 -21.72
C PRO A 139 -11.12 -33.22 -21.06
N LYS A 140 -10.54 -34.36 -20.66
CA LYS A 140 -11.34 -35.42 -20.06
C LYS A 140 -11.70 -35.08 -18.61
N THR A 141 -10.72 -34.66 -17.80
CA THR A 141 -10.95 -34.33 -16.40
C THR A 141 -11.43 -32.90 -16.18
N ARG A 142 -11.32 -32.04 -17.20
CA ARG A 142 -11.73 -30.64 -17.12
C ARG A 142 -10.88 -29.89 -16.10
N THR A 143 -9.59 -30.22 -16.03
CA THR A 143 -8.68 -29.60 -15.08
C THR A 143 -7.71 -28.68 -15.80
N LEU A 144 -7.53 -27.50 -15.23
CA LEU A 144 -6.70 -26.45 -15.77
C LEU A 144 -5.58 -26.13 -14.78
N VAL A 145 -4.35 -26.07 -15.29
CA VAL A 145 -3.17 -25.62 -14.55
C VAL A 145 -2.70 -24.31 -15.18
N LEU A 146 -2.57 -23.27 -14.34
CA LEU A 146 -2.04 -21.97 -14.77
C LEU A 146 -0.92 -21.61 -13.82
N LEU A 147 0.30 -21.57 -14.35
CA LEU A 147 1.49 -21.26 -13.58
C LEU A 147 1.97 -19.88 -13.99
N LYS A 148 2.14 -19.00 -13.01
CA LYS A 148 2.68 -17.66 -13.29
C LYS A 148 4.20 -17.74 -13.13
N HIS A 149 4.90 -17.94 -14.24
CA HIS A 149 6.35 -18.05 -14.17
C HIS A 149 7.06 -16.72 -14.35
N ASP A 150 6.37 -15.68 -14.84
CA ASP A 150 6.95 -14.34 -15.00
C ASP A 150 8.26 -14.37 -15.80
N GLU A 151 8.35 -15.28 -16.76
CA GLU A 151 9.50 -15.34 -17.65
C GLU A 151 9.19 -14.75 -19.03
N GLY A 152 8.00 -14.19 -19.22
CA GLY A 152 7.64 -13.46 -20.42
C GLY A 152 8.01 -14.12 -21.74
N LEU A 153 7.35 -15.21 -22.09
CA LEU A 153 7.55 -15.85 -23.39
C LEU A 153 8.97 -16.36 -23.60
N LEU A 154 9.86 -16.16 -22.63
CA LEU A 154 11.15 -16.84 -22.63
C LEU A 154 11.08 -18.21 -21.99
N PHE A 155 9.90 -18.63 -21.54
CA PHE A 155 9.74 -19.90 -20.86
C PHE A 155 9.93 -21.05 -21.85
N GLU A 156 10.75 -22.03 -21.46
CA GLU A 156 11.09 -23.13 -22.35
C GLU A 156 10.63 -24.48 -21.84
N GLY A 157 9.65 -24.52 -20.94
CA GLY A 157 9.18 -25.77 -20.37
C GLY A 157 9.65 -26.04 -18.96
N THR A 158 10.65 -25.31 -18.47
CA THR A 158 11.13 -25.43 -17.10
C THR A 158 11.34 -24.04 -16.51
N LEU A 159 11.06 -23.91 -15.21
CA LEU A 159 11.31 -22.68 -14.49
C LEU A 159 12.81 -22.50 -14.28
N LYS A 160 13.34 -21.38 -14.77
CA LYS A 160 14.73 -21.00 -14.52
C LYS A 160 14.78 -20.22 -13.21
N VAL A 161 15.45 -20.77 -12.21
CA VAL A 161 15.47 -20.20 -10.86
C VAL A 161 16.88 -19.76 -10.51
N ASN A 162 17.06 -18.51 -10.16
CA ASN A 162 18.30 -18.01 -9.64
C ASN A 162 18.05 -16.81 -8.77
N GLY A 163 18.22 -16.99 -7.50
CA GLY A 163 17.80 -16.00 -6.52
C GLY A 163 16.49 -16.37 -5.85
N GLN A 164 15.69 -15.35 -5.55
CA GLN A 164 14.37 -15.52 -4.96
C GLN A 164 13.31 -15.34 -6.05
N LYS A 165 12.34 -16.26 -6.09
CA LYS A 165 11.23 -16.11 -7.00
C LYS A 165 10.01 -16.79 -6.38
N ARG A 166 8.83 -16.18 -6.57
CA ARG A 166 7.57 -16.76 -6.14
C ARG A 166 6.78 -17.17 -7.37
N PHE A 167 6.29 -18.41 -7.38
CA PHE A 167 5.40 -18.89 -8.42
C PHE A 167 4.02 -19.09 -7.82
N ILE A 168 3.02 -18.57 -8.51
CA ILE A 168 1.63 -18.79 -8.16
C ILE A 168 1.13 -19.88 -9.09
N VAL A 169 0.55 -20.93 -8.51
CA VAL A 169 0.07 -22.08 -9.25
C VAL A 169 -1.41 -22.24 -8.98
N PHE A 170 -2.21 -22.14 -10.03
CA PHE A 170 -3.62 -22.51 -10.00
C PHE A 170 -3.75 -23.91 -10.61
N MET A 171 -4.41 -24.81 -9.90
CA MET A 171 -4.60 -26.18 -10.39
C MET A 171 -6.02 -26.58 -10.00
N GLY A 172 -6.95 -26.48 -10.94
CA GLY A 172 -8.31 -26.85 -10.63
C GLY A 172 -9.27 -26.65 -11.78
N PRO A 173 -10.55 -26.55 -11.44
CA PRO A 173 -11.58 -26.46 -12.47
C PRO A 173 -11.53 -25.12 -13.19
N ASN A 174 -11.89 -25.16 -14.47
CA ASN A 174 -11.96 -23.95 -15.29
C ASN A 174 -13.12 -23.08 -14.80
N LYS A 175 -12.86 -22.31 -13.74
CA LYS A 175 -13.84 -21.41 -13.15
C LYS A 175 -13.31 -19.98 -13.26
N ARG A 176 -14.06 -19.14 -13.95
CA ARG A 176 -13.58 -17.81 -14.31
C ARG A 176 -13.41 -16.93 -13.08
N THR A 177 -14.27 -17.09 -12.08
CA THR A 177 -14.16 -16.28 -10.86
C THR A 177 -12.89 -16.63 -10.10
N LEU A 178 -12.51 -17.91 -10.08
CA LEU A 178 -11.31 -18.31 -9.34
C LEU A 178 -10.05 -17.83 -10.04
N ILE A 179 -10.04 -17.85 -11.37
CA ILE A 179 -8.94 -17.24 -12.11
C ILE A 179 -8.87 -15.74 -11.82
N LYS A 180 -10.03 -15.07 -11.82
CA LYS A 180 -10.07 -13.66 -11.49
C LYS A 180 -9.49 -13.39 -10.09
N LYS A 181 -9.75 -14.28 -9.13
CA LYS A 181 -9.22 -14.04 -7.79
C LYS A 181 -7.72 -14.31 -7.71
N ALA A 182 -7.24 -15.36 -8.39
CA ALA A 182 -5.83 -15.76 -8.29
C ALA A 182 -4.91 -14.75 -8.95
N PHE A 183 -5.29 -14.26 -10.12
CA PHE A 183 -4.46 -13.41 -10.97
C PHE A 183 -5.28 -12.17 -11.31
N PRO A 184 -5.48 -11.28 -10.34
CA PRO A 184 -6.41 -10.16 -10.55
C PRO A 184 -5.92 -9.10 -11.53
N GLU A 185 -4.61 -8.97 -11.74
CA GLU A 185 -4.08 -7.95 -12.64
C GLU A 185 -4.11 -8.38 -14.11
N ASP A 186 -3.99 -9.68 -14.41
CA ASP A 186 -3.88 -10.14 -15.79
C ASP A 186 -5.05 -11.02 -16.21
N TYR A 187 -6.15 -11.01 -15.47
CA TYR A 187 -7.17 -12.05 -15.68
C TYR A 187 -7.85 -11.90 -17.04
N ASP A 188 -8.05 -10.68 -17.53
CA ASP A 188 -8.72 -10.48 -18.83
C ASP A 188 -7.88 -11.06 -19.97
N VAL A 189 -6.59 -10.72 -20.00
CA VAL A 189 -5.67 -11.25 -21.00
C VAL A 189 -5.64 -12.77 -20.94
N LEU A 190 -5.60 -13.32 -19.71
CA LEU A 190 -5.52 -14.76 -19.50
C LEU A 190 -6.78 -15.47 -19.97
N ILE A 191 -7.93 -14.97 -19.56
CA ILE A 191 -9.18 -15.65 -19.91
C ILE A 191 -9.40 -15.58 -21.42
N LYS A 192 -9.10 -14.43 -22.03
CA LYS A 192 -9.20 -14.39 -23.50
C LYS A 192 -8.21 -15.36 -24.14
N ALA A 193 -6.97 -15.39 -23.68
CA ALA A 193 -6.00 -16.25 -24.34
C ALA A 193 -6.33 -17.73 -24.20
N LEU A 194 -7.03 -18.12 -23.13
CA LEU A 194 -7.32 -19.54 -22.92
C LEU A 194 -8.43 -20.08 -23.83
N VAL A 195 -9.17 -19.21 -24.51
CA VAL A 195 -10.17 -19.66 -25.48
C VAL A 195 -9.54 -20.50 -26.58
N ASN A 196 -8.27 -20.29 -26.87
CA ASN A 196 -7.63 -21.00 -27.96
C ASN A 196 -7.48 -22.50 -27.70
N ILE A 197 -7.32 -22.90 -26.44
CA ILE A 197 -7.28 -24.31 -26.06
C ILE A 197 -8.68 -24.87 -26.27
N PRO A 198 -8.84 -26.16 -26.63
CA PRO A 198 -10.19 -26.76 -26.72
C PRO A 198 -11.21 -26.27 -25.71
N GLY A 199 -10.91 -26.34 -24.42
CA GLY A 199 -11.79 -25.77 -23.41
C GLY A 199 -13.05 -26.59 -23.25
N ILE B 1 -20.39 19.89 -7.01
CA ILE B 1 -21.65 19.20 -6.84
C ILE B 1 -22.32 19.02 -8.19
N LYS B 2 -22.06 19.91 -9.14
CA LYS B 2 -22.58 19.79 -10.50
C LYS B 2 -21.40 19.78 -11.46
N VAL B 3 -21.28 18.71 -12.25
CA VAL B 3 -20.20 18.57 -13.22
C VAL B 3 -20.78 18.75 -14.62
N VAL B 4 -20.15 19.61 -15.41
CA VAL B 4 -20.52 19.85 -16.80
C VAL B 4 -19.26 19.66 -17.64
N ARG B 5 -19.20 18.56 -18.38
CA ARG B 5 -18.05 18.28 -19.23
C ARG B 5 -18.33 18.78 -20.65
N SER B 6 -17.54 19.74 -21.10
CA SER B 6 -17.65 20.28 -22.43
C SER B 6 -16.59 19.67 -23.33
N GLU B 7 -16.61 20.04 -24.61
CA GLU B 7 -15.58 19.54 -25.51
C GLU B 7 -14.26 20.25 -25.31
N LYS B 8 -14.23 21.36 -24.57
CA LYS B 8 -13.00 22.10 -24.34
C LYS B 8 -12.56 22.15 -22.87
N GLU B 9 -13.45 21.84 -21.93
CA GLU B 9 -13.10 21.91 -20.52
C GLU B 9 -14.15 21.19 -19.69
N ILE B 10 -13.80 20.96 -18.42
CA ILE B 10 -14.69 20.41 -17.41
C ILE B 10 -14.96 21.49 -16.37
N VAL B 11 -16.23 21.70 -16.03
CA VAL B 11 -16.63 22.73 -15.09
C VAL B 11 -17.28 22.08 -13.87
N VAL B 12 -16.77 22.40 -12.69
CA VAL B 12 -17.32 21.93 -11.43
C VAL B 12 -17.96 23.10 -10.70
N LEU B 13 -19.24 22.97 -10.38
CA LEU B 13 -20.02 24.03 -9.75
C LEU B 13 -20.55 23.57 -8.41
N THR B 14 -20.28 24.36 -7.37
CA THR B 14 -20.95 24.27 -6.08
C THR B 14 -21.76 25.54 -5.86
N ARG B 15 -22.29 25.72 -4.65
CA ARG B 15 -23.11 26.89 -4.38
C ARG B 15 -22.28 28.16 -4.25
N PHE B 16 -20.97 28.04 -4.02
CA PHE B 16 -20.11 29.20 -3.87
C PHE B 16 -18.84 29.16 -4.72
N GLU B 17 -18.53 28.04 -5.38
CA GLU B 17 -17.30 27.86 -6.13
C GLU B 17 -17.60 27.39 -7.55
N GLU B 18 -16.82 27.88 -8.50
CA GLU B 18 -16.94 27.48 -9.90
C GLU B 18 -15.54 27.24 -10.41
N TYR B 19 -15.22 25.98 -10.70
CA TYR B 19 -13.90 25.58 -11.18
C TYR B 19 -13.96 25.25 -12.66
N HIS B 20 -12.91 25.65 -13.37
CA HIS B 20 -12.73 25.33 -14.78
C HIS B 20 -11.38 24.64 -14.95
N PHE B 21 -11.42 23.36 -15.37
CA PHE B 21 -10.26 22.56 -15.71
C PHE B 21 -10.24 22.25 -17.20
N ASP B 22 -9.04 22.20 -17.77
CA ASP B 22 -8.86 21.87 -19.18
C ASP B 22 -8.84 20.37 -19.38
N LEU B 23 -8.61 19.94 -20.62
CA LEU B 23 -8.60 18.53 -20.96
C LEU B 23 -7.23 17.98 -21.34
N GLU B 24 -6.27 18.83 -21.72
CA GLU B 24 -4.99 18.42 -22.31
C GLU B 24 -3.80 18.54 -21.37
N LYS B 25 -3.76 19.55 -20.51
CA LYS B 25 -2.60 19.76 -19.65
C LYS B 25 -2.90 19.53 -18.18
N GLY B 26 -4.16 19.26 -17.82
CA GLY B 26 -4.51 19.02 -16.43
C GLY B 26 -4.39 20.27 -15.56
N ILE B 27 -4.67 21.43 -16.13
CA ILE B 27 -4.50 22.68 -15.39
C ILE B 27 -5.85 23.20 -14.93
N LEU B 28 -5.83 23.90 -13.80
CA LEU B 28 -6.94 24.74 -13.37
C LEU B 28 -6.98 25.96 -14.26
N LYS B 29 -8.01 26.07 -15.10
CA LYS B 29 -8.07 27.20 -16.04
C LYS B 29 -8.60 28.44 -15.34
N ASP B 30 -9.73 28.33 -14.67
CA ASP B 30 -10.35 29.49 -14.07
C ASP B 30 -11.03 29.11 -12.77
N PHE B 31 -11.11 30.08 -11.85
CA PHE B 31 -11.83 29.89 -10.61
C PHE B 31 -12.66 31.12 -10.32
N TYR B 32 -13.93 30.90 -10.02
CA TYR B 32 -14.86 31.96 -9.65
C TYR B 32 -15.42 31.67 -8.26
N THR B 33 -15.50 32.72 -7.44
CA THR B 33 -16.31 32.68 -6.24
C THR B 33 -17.68 33.27 -6.57
N MET B 34 -18.70 32.79 -5.85
CA MET B 34 -20.06 33.22 -6.13
C MET B 34 -20.77 33.68 -4.86
N VAL B 35 -20.02 33.91 -3.79
CA VAL B 35 -20.61 34.27 -2.52
C VAL B 35 -21.14 35.71 -2.54
N ASP B 36 -20.57 36.60 -3.35
CA ASP B 36 -21.11 37.96 -3.48
C ASP B 36 -21.14 38.33 -4.96
N GLY B 37 -21.88 37.54 -5.73
CA GLY B 37 -21.89 37.73 -7.17
C GLY B 37 -20.72 37.03 -7.84
N ARG B 38 -20.97 36.55 -9.05
CA ARG B 38 -19.96 35.81 -9.79
C ARG B 38 -18.72 36.66 -10.00
N LYS B 39 -17.61 36.29 -9.37
CA LYS B 39 -16.40 37.10 -9.36
C LYS B 39 -15.24 36.24 -9.85
N HIS B 40 -14.61 36.66 -10.95
CA HIS B 40 -13.51 35.93 -11.56
C HIS B 40 -12.24 36.21 -10.75
N VAL B 41 -11.93 35.32 -9.80
CA VAL B 41 -10.83 35.57 -8.89
C VAL B 41 -9.52 34.90 -9.30
N PHE B 42 -9.57 33.79 -10.04
CA PHE B 42 -8.34 33.20 -10.54
C PHE B 42 -8.44 32.93 -12.03
N THR B 43 -7.35 33.21 -12.75
CA THR B 43 -7.24 32.82 -14.15
C THR B 43 -5.83 32.31 -14.43
N TYR B 44 -5.74 31.42 -15.42
CA TYR B 44 -4.51 30.68 -15.67
C TYR B 44 -3.46 31.56 -16.33
N GLY B 45 -2.28 31.65 -15.72
CA GLY B 45 -1.12 32.25 -16.33
C GLY B 45 -0.22 31.16 -16.88
N ASN B 46 0.78 30.77 -16.11
CA ASN B 46 1.48 29.51 -16.32
C ASN B 46 1.58 28.78 -15.00
N ASP B 47 0.50 28.86 -14.21
CA ASP B 47 0.54 28.53 -12.80
C ASP B 47 -0.64 27.67 -12.34
N GLY B 48 -1.33 27.00 -13.24
CA GLY B 48 -2.51 26.27 -12.81
C GLY B 48 -2.25 24.79 -12.57
N PHE B 49 -1.15 24.47 -11.87
CA PHE B 49 -0.74 23.08 -11.61
C PHE B 49 -0.26 22.38 -12.89
N ASP B 50 0.44 23.11 -13.74
CA ASP B 50 1.18 22.46 -14.83
C ASP B 50 2.15 21.44 -14.27
N VAL B 51 2.29 20.32 -14.96
CA VAL B 51 3.30 19.33 -14.62
C VAL B 51 4.49 19.55 -15.56
N LEU B 52 5.58 20.06 -15.03
CA LEU B 52 6.80 20.34 -15.79
C LEU B 52 7.81 19.23 -15.54
N ASP B 53 8.26 18.57 -16.60
CA ASP B 53 9.14 17.42 -16.38
C ASP B 53 10.52 17.90 -15.96
N GLU B 54 11.40 18.09 -16.94
CA GLU B 54 12.71 18.68 -16.69
C GLU B 54 12.75 20.17 -17.01
N GLY B 55 11.81 20.66 -17.82
CA GLY B 55 11.68 22.08 -18.07
C GLY B 55 10.62 22.37 -19.10
N THR B 56 9.84 21.35 -19.44
CA THR B 56 8.81 21.45 -20.46
C THR B 56 7.48 20.94 -19.92
N PRO B 57 6.39 21.65 -20.19
CA PRO B 57 5.08 21.21 -19.68
C PRO B 57 4.61 19.94 -20.34
N LEU B 58 4.11 19.02 -19.53
CA LEU B 58 3.64 17.73 -19.98
C LEU B 58 2.14 17.77 -20.29
N THR B 59 1.72 16.97 -21.26
CA THR B 59 0.31 16.80 -21.57
C THR B 59 -0.11 15.37 -21.25
N VAL B 60 -1.42 15.18 -21.11
CA VAL B 60 -1.95 13.88 -20.71
C VAL B 60 -1.96 12.92 -21.90
N ILE B 61 -1.89 11.63 -21.61
CA ILE B 61 -1.92 10.64 -22.67
C ILE B 61 -3.33 10.16 -22.99
N GLU B 62 -4.30 10.43 -22.12
CA GLU B 62 -5.68 10.06 -22.34
C GLU B 62 -6.56 11.19 -21.83
N GLU B 63 -7.83 11.16 -22.23
CA GLU B 63 -8.79 12.12 -21.70
C GLU B 63 -8.93 11.93 -20.18
N PRO B 64 -9.09 13.03 -19.40
CA PRO B 64 -9.29 12.88 -17.95
C PRO B 64 -10.53 12.07 -17.61
N ILE B 65 -10.51 11.43 -16.45
CA ILE B 65 -11.68 10.70 -15.94
C ILE B 65 -12.34 11.52 -14.85
N VAL B 66 -13.68 11.48 -14.79
CA VAL B 66 -14.46 12.15 -13.74
C VAL B 66 -15.15 11.08 -12.91
N THR B 67 -14.94 11.13 -11.59
CA THR B 67 -15.54 10.17 -10.68
C THR B 67 -16.03 10.90 -9.44
N GLY B 68 -16.48 10.14 -8.46
CA GLY B 68 -16.95 10.72 -7.21
C GLY B 68 -17.94 9.79 -6.54
N VAL B 69 -18.22 10.09 -5.29
CA VAL B 69 -19.19 9.35 -4.50
C VAL B 69 -20.49 10.12 -4.45
N GLY B 70 -21.60 9.40 -4.52
CA GLY B 70 -22.91 10.00 -4.42
C GLY B 70 -23.38 10.63 -5.71
N LYS B 71 -23.43 9.84 -6.79
CA LYS B 71 -23.87 10.33 -8.09
C LYS B 71 -25.34 10.69 -8.05
N VAL B 72 -25.65 11.97 -7.96
CA VAL B 72 -27.04 12.44 -7.93
C VAL B 72 -27.44 12.80 -9.36
N SER B 73 -28.70 13.24 -9.54
CA SER B 73 -29.13 13.69 -10.86
C SER B 73 -28.13 14.67 -11.45
N GLU B 74 -27.67 15.62 -10.66
CA GLU B 74 -26.70 16.62 -11.11
C GLU B 74 -25.34 16.13 -10.61
N GLY B 75 -24.67 15.34 -11.45
CA GLY B 75 -23.31 14.86 -11.17
C GLY B 75 -23.22 14.09 -9.86
N PHE B 76 -22.62 14.70 -8.86
CA PHE B 76 -22.35 14.05 -7.62
C PHE B 76 -22.97 14.86 -6.50
N SER B 77 -22.80 14.35 -5.31
CA SER B 77 -23.45 14.92 -4.15
C SER B 77 -22.48 15.40 -3.10
N ASP B 78 -21.44 14.62 -2.81
CA ASP B 78 -20.49 15.03 -1.80
C ASP B 78 -19.02 15.01 -2.24
N GLU B 79 -18.69 14.44 -3.40
CA GLU B 79 -17.29 14.35 -3.81
C GLU B 79 -17.19 14.26 -5.32
N VAL B 80 -16.26 15.02 -5.89
CA VAL B 80 -15.92 14.92 -7.30
C VAL B 80 -14.41 14.80 -7.40
N SER B 81 -13.94 13.86 -8.22
CA SER B 81 -12.51 13.72 -8.47
C SER B 81 -12.27 13.73 -9.97
N MET B 82 -11.15 14.32 -10.38
CA MET B 82 -10.75 14.36 -11.78
C MET B 82 -9.35 13.81 -11.89
N VAL B 83 -9.22 12.76 -12.69
CA VAL B 83 -7.99 12.01 -12.87
C VAL B 83 -7.34 12.43 -14.17
N TYR B 84 -6.07 12.80 -14.07
CA TYR B 84 -5.24 13.19 -15.21
C TYR B 84 -4.05 12.25 -15.22
N ASN B 85 -3.77 11.66 -16.38
CA ASN B 85 -2.76 10.61 -16.53
C ASN B 85 -1.70 11.07 -17.52
N TYR B 86 -0.51 11.37 -17.02
CA TYR B 86 0.60 11.73 -17.89
C TYR B 86 1.50 10.53 -18.19
N GLY B 87 1.04 9.32 -17.92
CA GLY B 87 1.84 8.13 -18.10
C GLY B 87 2.57 7.78 -16.83
N TYR B 88 3.67 8.48 -16.56
CA TYR B 88 4.42 8.26 -15.33
C TYR B 88 4.07 9.27 -14.26
N VAL B 89 3.14 10.18 -14.55
CA VAL B 89 2.63 11.14 -13.59
C VAL B 89 1.11 11.02 -13.59
N LYS B 90 0.54 10.80 -12.42
CA LYS B 90 -0.88 10.84 -12.21
C LYS B 90 -1.19 12.04 -11.32
N LYS B 91 -2.29 12.73 -11.60
CA LYS B 91 -2.69 13.91 -10.84
C LYS B 91 -4.20 13.87 -10.67
N ILE B 92 -4.67 14.00 -9.44
CA ILE B 92 -6.09 13.92 -9.13
C ILE B 92 -6.51 15.17 -8.37
N PHE B 93 -7.50 15.89 -8.91
CA PHE B 93 -8.14 17.00 -8.21
C PHE B 93 -9.38 16.50 -7.49
N THR B 94 -9.51 16.82 -6.21
CA THR B 94 -10.66 16.38 -5.43
C THR B 94 -11.34 17.58 -4.80
N ILE B 95 -12.64 17.69 -5.06
CA ILE B 95 -13.48 18.76 -4.55
C ILE B 95 -14.58 18.10 -3.73
N LYS B 96 -14.73 18.54 -2.48
CA LYS B 96 -15.75 18.01 -1.58
C LYS B 96 -16.80 19.07 -1.29
N ASN B 97 -18.00 18.59 -0.95
CA ASN B 97 -19.14 19.49 -0.74
C ASN B 97 -19.10 20.18 0.61
N ASN B 98 -17.90 20.49 1.12
CA ASN B 98 -17.73 21.12 2.42
C ASN B 98 -17.99 22.62 2.40
N GLU B 99 -18.11 23.22 1.22
CA GLU B 99 -18.28 24.68 1.07
C GLU B 99 -17.20 25.45 1.83
N ASN B 100 -15.97 24.95 1.79
CA ASN B 100 -14.86 25.56 2.50
C ASN B 100 -13.85 26.23 1.57
N TYR B 101 -14.09 26.23 0.26
CA TYR B 101 -13.13 26.76 -0.70
C TYR B 101 -11.80 26.02 -0.61
N THR B 102 -11.87 24.72 -0.34
CA THR B 102 -10.68 23.90 -0.15
C THR B 102 -10.78 22.72 -1.09
N PHE B 103 -9.75 22.51 -1.88
CA PHE B 103 -9.70 21.33 -2.73
C PHE B 103 -8.33 20.68 -2.58
N PHE B 104 -8.25 19.43 -3.04
CA PHE B 104 -7.08 18.59 -2.85
C PHE B 104 -6.45 18.25 -4.18
N VAL B 105 -5.14 18.10 -4.17
CA VAL B 105 -4.38 17.73 -5.36
C VAL B 105 -3.49 16.56 -4.93
N ASP B 106 -3.98 15.35 -5.14
CA ASP B 106 -3.22 14.15 -4.85
C ASP B 106 -2.41 13.80 -6.10
N ILE B 107 -1.09 13.73 -5.97
CA ILE B 107 -0.25 13.65 -7.16
C ILE B 107 0.80 12.57 -6.95
N GLU B 108 1.11 11.84 -8.03
CA GLU B 108 2.01 10.70 -7.97
C GLU B 108 2.90 10.64 -9.20
N SER B 109 4.19 10.37 -9.00
CA SER B 109 5.12 10.33 -10.12
C SER B 109 6.10 9.18 -9.96
N SER B 110 6.73 8.81 -11.07
CA SER B 110 7.84 7.87 -11.04
C SER B 110 9.17 8.59 -10.98
N LYS B 111 9.36 9.59 -11.82
CA LYS B 111 10.48 10.51 -11.71
C LYS B 111 9.98 11.86 -11.20
N PRO B 112 10.86 12.67 -10.62
CA PRO B 112 10.40 13.94 -10.04
C PRO B 112 10.03 14.95 -11.11
N VAL B 113 8.92 15.64 -10.86
CA VAL B 113 8.37 16.67 -11.73
C VAL B 113 8.14 17.93 -10.91
N ASP B 114 7.84 19.01 -11.61
CA ASP B 114 7.55 20.30 -10.99
C ASP B 114 6.11 20.67 -11.30
N VAL B 115 5.38 21.10 -10.29
CA VAL B 115 3.99 21.49 -10.40
C VAL B 115 3.92 22.96 -10.03
N THR B 116 3.62 23.83 -11.01
CA THR B 116 3.48 25.25 -10.75
C THR B 116 2.31 25.50 -9.80
N VAL B 117 2.42 26.57 -9.00
CA VAL B 117 1.37 26.89 -8.02
C VAL B 117 0.58 28.13 -8.43
N PRO B 118 -0.73 28.15 -8.20
CA PRO B 118 -1.54 29.31 -8.62
C PRO B 118 -1.29 30.56 -7.79
N ARG B 119 -1.25 31.70 -8.48
CA ARG B 119 -1.13 33.01 -7.87
C ARG B 119 -2.33 33.85 -8.23
N VAL B 120 -2.97 34.46 -7.23
CA VAL B 120 -4.07 35.40 -7.48
C VAL B 120 -3.64 36.84 -7.36
N SER B 121 -2.44 37.11 -6.87
CA SER B 121 -1.97 38.48 -6.68
C SER B 121 -1.55 39.11 -8.01
N VAL B 122 -1.62 40.45 -8.05
CA VAL B 122 -1.15 41.17 -9.24
C VAL B 122 0.37 41.19 -9.30
N ASP B 123 1.03 41.39 -8.15
CA ASP B 123 2.49 41.40 -8.08
C ASP B 123 2.95 40.63 -6.84
N THR B 124 4.26 40.36 -6.80
CA THR B 124 4.86 39.55 -5.74
C THR B 124 4.81 40.21 -4.38
N SER B 125 4.34 41.46 -4.29
CA SER B 125 4.31 42.16 -3.02
C SER B 125 3.36 41.49 -2.03
N THR B 126 2.22 40.99 -2.51
CA THR B 126 1.24 40.35 -1.66
C THR B 126 1.32 38.83 -1.73
N ASP B 127 2.53 38.29 -1.85
CA ASP B 127 2.78 36.85 -1.80
C ASP B 127 3.76 36.53 -0.68
N ARG B 128 3.51 35.42 0.00
CA ARG B 128 4.34 35.01 1.12
C ARG B 128 4.80 33.57 0.93
N TYR B 129 6.10 33.35 1.12
CA TYR B 129 6.72 32.02 1.08
C TYR B 129 6.94 31.61 2.53
N MET B 130 5.96 30.92 3.10
CA MET B 130 6.00 30.53 4.49
C MET B 130 6.39 29.05 4.65
N GLU B 131 6.79 28.71 5.86
CA GLU B 131 7.18 27.35 6.15
C GLU B 131 6.00 26.42 5.91
N ASN B 132 6.17 25.49 4.96
CA ASN B 132 5.20 24.50 4.51
C ASN B 132 4.03 25.10 3.74
N TYR B 133 3.95 26.42 3.59
CA TYR B 133 2.79 27.03 2.99
C TYR B 133 3.18 28.12 2.01
N PHE B 134 2.46 28.21 0.90
CA PHE B 134 2.51 29.34 -0.01
C PHE B 134 1.23 30.14 0.13
N ALA B 135 1.36 31.46 0.28
CA ALA B 135 0.22 32.35 0.39
C ALA B 135 0.22 33.36 -0.76
N SER B 136 -0.95 33.60 -1.34
CA SER B 136 -1.09 34.60 -2.39
C SER B 136 -2.39 35.35 -2.14
N PHE B 137 -2.34 36.68 -2.18
CA PHE B 137 -3.52 37.46 -1.84
C PHE B 137 -3.76 38.51 -2.90
N ASN B 138 -5.01 38.63 -3.33
CA ASN B 138 -5.40 39.69 -4.24
C ASN B 138 -6.25 40.69 -3.48
N PRO B 139 -5.72 41.90 -3.22
CA PRO B 139 -6.48 42.90 -2.47
C PRO B 139 -7.66 43.46 -3.22
N LYS B 140 -7.71 43.32 -4.56
CA LYS B 140 -8.85 43.78 -5.33
C LYS B 140 -10.06 42.87 -5.09
N THR B 141 -9.90 41.57 -5.36
CA THR B 141 -10.97 40.62 -5.10
C THR B 141 -11.02 40.15 -3.65
N ARG B 142 -10.06 40.54 -2.81
CA ARG B 142 -9.95 40.04 -1.43
C ARG B 142 -9.83 38.51 -1.41
N THR B 143 -9.06 37.96 -2.35
CA THR B 143 -8.99 36.51 -2.54
C THR B 143 -7.67 35.97 -1.99
N LEU B 144 -7.76 34.89 -1.23
CA LEU B 144 -6.60 34.27 -0.59
C LEU B 144 -6.37 32.87 -1.14
N VAL B 145 -5.10 32.55 -1.39
CA VAL B 145 -4.65 31.24 -1.81
C VAL B 145 -3.66 30.75 -0.75
N LEU B 146 -3.96 29.63 -0.12
CA LEU B 146 -3.09 28.99 0.85
C LEU B 146 -2.83 27.56 0.42
N LEU B 147 -1.60 27.28 -0.01
CA LEU B 147 -1.22 25.94 -0.45
C LEU B 147 -0.28 25.32 0.58
N LYS B 148 -0.70 24.19 1.17
CA LYS B 148 0.16 23.47 2.10
C LYS B 148 1.04 22.51 1.30
N HIS B 149 2.29 22.91 1.05
CA HIS B 149 3.20 22.14 0.23
C HIS B 149 4.16 21.26 1.02
N ASP B 150 4.26 21.45 2.34
CA ASP B 150 5.08 20.59 3.21
C ASP B 150 6.55 20.53 2.78
N GLU B 151 7.09 21.63 2.25
CA GLU B 151 8.49 21.70 1.89
C GLU B 151 9.33 22.51 2.87
N GLY B 152 8.74 23.05 3.93
CA GLY B 152 9.47 23.71 5.00
C GLY B 152 10.61 24.65 4.68
N LEU B 153 10.26 25.79 4.08
CA LEU B 153 11.16 26.87 3.66
C LEU B 153 12.00 26.48 2.45
N LEU B 154 11.85 25.27 1.90
CA LEU B 154 12.57 24.87 0.70
C LEU B 154 11.80 25.16 -0.58
N PHE B 155 10.60 25.71 -0.46
CA PHE B 155 9.78 25.97 -1.63
C PHE B 155 10.44 27.06 -2.49
N GLU B 156 10.48 26.83 -3.80
CA GLU B 156 11.12 27.78 -4.71
C GLU B 156 10.19 28.33 -5.77
N GLY B 157 8.88 28.20 -5.58
CA GLY B 157 7.91 28.63 -6.55
C GLY B 157 7.20 27.49 -7.26
N THR B 158 7.79 26.30 -7.28
CA THR B 158 7.15 25.13 -7.88
C THR B 158 7.18 23.96 -6.91
N LEU B 159 6.12 23.17 -6.92
CA LEU B 159 6.02 21.94 -6.14
C LEU B 159 6.94 20.90 -6.74
N LYS B 160 8.02 20.55 -6.04
CA LYS B 160 8.88 19.46 -6.46
C LYS B 160 8.22 18.16 -5.97
N VAL B 161 7.72 17.35 -6.90
CA VAL B 161 7.03 16.10 -6.56
C VAL B 161 7.88 14.92 -7.04
N ASN B 162 7.99 13.89 -6.18
CA ASN B 162 8.62 12.63 -6.55
C ASN B 162 8.05 11.55 -5.65
N GLY B 163 7.18 10.70 -6.21
CA GLY B 163 6.48 9.74 -5.40
C GLY B 163 5.08 10.21 -5.11
N GLN B 164 4.47 9.77 -4.01
CA GLN B 164 3.14 10.19 -3.63
C GLN B 164 3.20 11.47 -2.79
N LYS B 165 2.27 12.38 -3.04
CA LYS B 165 2.19 13.60 -2.25
C LYS B 165 0.82 14.26 -2.44
N ARG B 166 0.18 14.65 -1.33
CA ARG B 166 -1.09 15.37 -1.35
C ARG B 166 -0.86 16.83 -1.00
N PHE B 167 -1.49 17.71 -1.75
CA PHE B 167 -1.46 19.15 -1.48
C PHE B 167 -2.87 19.60 -1.15
N ILE B 168 -2.98 20.44 -0.13
CA ILE B 168 -4.25 21.01 0.27
C ILE B 168 -4.24 22.48 -0.15
N VAL B 169 -5.26 22.88 -0.91
CA VAL B 169 -5.29 24.21 -1.48
C VAL B 169 -6.54 24.92 -1.00
N PHE B 170 -6.34 26.05 -0.33
CA PHE B 170 -7.42 26.96 0.03
C PHE B 170 -7.45 28.09 -0.99
N MET B 171 -8.62 28.37 -1.53
CA MET B 171 -8.75 29.41 -2.54
C MET B 171 -10.11 30.06 -2.32
N GLY B 172 -10.13 31.22 -1.69
CA GLY B 172 -11.38 31.86 -1.43
C GLY B 172 -11.22 33.07 -0.55
N PRO B 173 -12.33 33.53 0.01
CA PRO B 173 -12.30 34.80 0.76
C PRO B 173 -11.43 34.69 2.00
N ASN B 174 -11.06 35.86 2.51
CA ASN B 174 -10.27 35.90 3.74
C ASN B 174 -11.24 35.76 4.92
N LYS B 175 -11.66 34.52 5.14
CA LYS B 175 -12.59 34.16 6.21
C LYS B 175 -11.86 33.25 7.17
N ARG B 176 -11.63 33.75 8.38
CA ARG B 176 -10.70 33.12 9.31
C ARG B 176 -11.20 31.73 9.75
N THR B 177 -12.51 31.59 9.95
CA THR B 177 -13.07 30.29 10.34
C THR B 177 -12.81 29.23 9.28
N LEU B 178 -12.87 29.60 8.00
CA LEU B 178 -12.69 28.63 6.93
C LEU B 178 -11.24 28.18 6.85
N ILE B 179 -10.31 29.09 7.20
CA ILE B 179 -8.90 28.71 7.29
C ILE B 179 -8.69 27.78 8.47
N LYS B 180 -9.38 28.01 9.60
CA LYS B 180 -9.23 27.09 10.72
C LYS B 180 -9.73 25.70 10.34
N LYS B 181 -10.85 25.61 9.61
CA LYS B 181 -11.30 24.29 9.15
C LYS B 181 -10.33 23.67 8.16
N ALA B 182 -9.67 24.49 7.34
CA ALA B 182 -8.78 23.90 6.33
C ALA B 182 -7.44 23.48 6.93
N PHE B 183 -6.92 24.25 7.88
CA PHE B 183 -5.61 23.98 8.48
C PHE B 183 -5.70 24.13 9.99
N PRO B 184 -6.31 23.17 10.68
CA PRO B 184 -6.52 23.34 12.13
C PRO B 184 -5.24 23.38 12.93
N GLU B 185 -4.26 22.54 12.58
CA GLU B 185 -3.04 22.47 13.39
C GLU B 185 -2.20 23.74 13.28
N ASP B 186 -2.01 24.25 12.07
CA ASP B 186 -1.12 25.39 11.84
C ASP B 186 -1.85 26.73 11.80
N TYR B 187 -3.14 26.76 12.18
CA TYR B 187 -3.95 27.96 12.02
C TYR B 187 -3.31 29.17 12.72
N ASP B 188 -2.88 28.99 13.96
CA ASP B 188 -2.34 30.09 14.76
C ASP B 188 -1.16 30.77 14.07
N VAL B 189 -0.12 29.98 13.77
CA VAL B 189 1.06 30.50 13.10
C VAL B 189 0.68 31.08 11.74
N LEU B 190 -0.27 30.43 11.06
CA LEU B 190 -0.65 30.89 9.73
C LEU B 190 -1.22 32.29 9.77
N ILE B 191 -2.31 32.49 10.51
CA ILE B 191 -2.93 33.82 10.56
C ILE B 191 -1.94 34.86 11.08
N LYS B 192 -1.17 34.49 12.12
CA LYS B 192 -0.18 35.42 12.66
C LYS B 192 0.82 35.84 11.60
N ALA B 193 1.14 34.96 10.65
CA ALA B 193 2.02 35.34 9.54
C ALA B 193 1.28 36.08 8.43
N LEU B 194 -0.01 35.82 8.26
CA LEU B 194 -0.76 36.44 7.18
C LEU B 194 -1.07 37.89 7.47
N VAL B 195 -0.94 38.30 8.74
CA VAL B 195 -1.08 39.72 9.05
C VAL B 195 -0.05 40.57 8.27
N ASN B 196 1.11 40.01 7.97
CA ASN B 196 2.18 40.84 7.40
C ASN B 196 1.88 41.25 5.96
N ILE B 197 1.01 40.53 5.26
CA ILE B 197 0.56 40.91 3.92
C ILE B 197 -0.32 42.15 4.10
N PRO B 198 -0.37 43.10 3.15
CA PRO B 198 -1.25 44.26 3.29
C PRO B 198 -2.64 43.88 3.83
N GLY B 199 -3.40 43.09 3.09
CA GLY B 199 -4.64 42.58 3.65
C GLY B 199 -5.74 43.61 3.63
N ILE C 1 -21.88 13.48 13.92
CA ILE C 1 -21.60 14.91 14.02
C ILE C 1 -21.28 15.28 15.48
N LYS C 2 -21.95 14.69 16.45
CA LYS C 2 -21.66 14.96 17.86
C LYS C 2 -21.20 13.68 18.53
N VAL C 3 -20.05 13.75 19.20
CA VAL C 3 -19.46 12.59 19.86
C VAL C 3 -19.45 12.85 21.36
N VAL C 4 -20.01 11.91 22.11
CA VAL C 4 -20.03 11.94 23.57
C VAL C 4 -19.39 10.65 24.05
N ARG C 5 -18.18 10.73 24.58
CA ARG C 5 -17.47 9.58 25.13
C ARG C 5 -17.67 9.57 26.64
N SER C 6 -18.51 8.68 27.14
CA SER C 6 -18.63 8.48 28.58
C SER C 6 -17.66 7.37 28.99
N GLU C 7 -17.73 6.97 30.25
CA GLU C 7 -16.86 5.92 30.79
C GLU C 7 -17.32 4.51 30.49
N LYS C 8 -18.49 4.34 29.88
CA LYS C 8 -18.98 3.02 29.57
C LYS C 8 -19.27 2.81 28.09
N GLU C 9 -19.29 3.88 27.29
CA GLU C 9 -19.61 3.75 25.87
C GLU C 9 -19.28 5.06 25.18
N ILE C 10 -19.25 4.99 23.85
CA ILE C 10 -19.15 6.15 22.98
C ILE C 10 -20.47 6.30 22.25
N VAL C 11 -20.97 7.54 22.19
CA VAL C 11 -22.24 7.84 21.56
C VAL C 11 -21.98 8.80 20.40
N VAL C 12 -22.37 8.39 19.20
CA VAL C 12 -22.31 9.23 18.02
C VAL C 12 -23.73 9.67 17.67
N LEU C 13 -23.93 10.98 17.51
CA LEU C 13 -25.24 11.57 17.28
C LEU C 13 -25.21 12.42 16.02
N THR C 14 -26.11 12.13 15.09
CA THR C 14 -26.41 13.01 13.97
C THR C 14 -27.84 13.52 14.12
N ARG C 15 -28.37 14.15 13.07
CA ARG C 15 -29.72 14.70 13.14
C ARG C 15 -30.78 13.61 13.16
N PHE C 16 -30.48 12.43 12.59
CA PHE C 16 -31.45 11.36 12.48
C PHE C 16 -31.01 10.02 13.06
N GLU C 17 -29.74 9.86 13.45
CA GLU C 17 -29.21 8.59 13.90
C GLU C 17 -28.53 8.74 15.25
N GLU C 18 -28.63 7.70 16.07
CA GLU C 18 -28.00 7.69 17.38
C GLU C 18 -27.31 6.34 17.55
N TYR C 19 -25.99 6.34 17.52
CA TYR C 19 -25.21 5.12 17.68
C TYR C 19 -24.59 5.06 19.06
N HIS C 20 -24.56 3.85 19.60
CA HIS C 20 -23.91 3.51 20.87
C HIS C 20 -22.94 2.38 20.61
N PHE C 21 -21.65 2.63 20.88
CA PHE C 21 -20.58 1.65 20.82
C PHE C 21 -19.96 1.46 22.20
N ASP C 22 -19.57 0.23 22.51
CA ASP C 22 -18.93 -0.07 23.79
C ASP C 22 -17.45 0.29 23.75
N LEU C 23 -16.79 0.05 24.87
CA LEU C 23 -15.37 0.33 25.01
C LEU C 23 -14.48 -0.90 25.10
N GLU C 24 -15.03 -2.09 25.37
CA GLU C 24 -14.25 -3.29 25.62
C GLU C 24 -14.27 -4.31 24.48
N LYS C 25 -15.37 -4.42 23.74
CA LYS C 25 -15.45 -5.46 22.73
C LYS C 25 -15.55 -4.94 21.32
N GLY C 26 -15.61 -3.61 21.14
CA GLY C 26 -15.73 -3.04 19.82
C GLY C 26 -17.06 -3.32 19.15
N ILE C 27 -18.14 -3.41 19.92
CA ILE C 27 -19.43 -3.80 19.38
C ILE C 27 -20.33 -2.58 19.29
N LEU C 28 -21.28 -2.64 18.35
CA LEU C 28 -22.40 -1.71 18.30
C LEU C 28 -23.39 -2.11 19.39
N LYS C 29 -23.48 -1.30 20.44
CA LYS C 29 -24.41 -1.57 21.53
C LYS C 29 -25.84 -1.31 21.08
N ASP C 30 -26.14 -0.09 20.65
CA ASP C 30 -27.52 0.28 20.38
C ASP C 30 -27.60 1.24 19.20
N PHE C 31 -28.75 1.21 18.53
CA PHE C 31 -28.96 2.15 17.44
C PHE C 31 -30.40 2.65 17.45
N TYR C 32 -30.53 3.97 17.38
CA TYR C 32 -31.81 4.66 17.39
C TYR C 32 -31.92 5.47 16.10
N THR C 33 -33.12 5.47 15.53
CA THR C 33 -33.46 6.45 14.52
C THR C 33 -34.25 7.57 15.18
N MET C 34 -34.07 8.78 14.68
CA MET C 34 -34.77 9.93 15.23
C MET C 34 -35.59 10.66 14.19
N VAL C 35 -35.94 9.98 13.10
CA VAL C 35 -36.69 10.64 12.03
C VAL C 35 -38.17 10.77 12.39
N ASP C 36 -38.74 9.83 13.16
CA ASP C 36 -40.12 9.93 13.64
C ASP C 36 -40.13 9.70 15.15
N GLY C 37 -39.38 10.53 15.86
CA GLY C 37 -39.22 10.35 17.29
C GLY C 37 -38.18 9.31 17.61
N ARG C 38 -37.58 9.45 18.79
CA ARG C 38 -36.51 8.56 19.18
C ARG C 38 -37.03 7.13 19.24
N LYS C 39 -36.56 6.28 18.34
CA LYS C 39 -37.03 4.90 18.22
C LYS C 39 -35.84 3.96 18.39
N HIS C 40 -35.94 3.05 19.36
CA HIS C 40 -34.89 2.05 19.62
C HIS C 40 -35.05 0.92 18.63
N VAL C 41 -34.30 0.94 17.53
CA VAL C 41 -34.54 -0.03 16.47
C VAL C 41 -33.54 -1.16 16.49
N PHE C 42 -32.34 -0.92 17.01
CA PHE C 42 -31.38 -2.01 17.14
C PHE C 42 -30.85 -2.07 18.56
N THR C 43 -30.72 -3.29 19.06
CA THR C 43 -30.08 -3.52 20.35
C THR C 43 -29.20 -4.76 20.26
N TYR C 44 -28.14 -4.75 21.06
CA TYR C 44 -27.12 -5.79 20.97
C TYR C 44 -27.62 -7.08 21.58
N GLY C 45 -27.63 -8.14 20.79
CA GLY C 45 -27.80 -9.51 21.22
C GLY C 45 -26.43 -10.18 21.34
N ASN C 46 -26.03 -10.92 20.33
CA ASN C 46 -24.64 -11.34 20.18
C ASN C 46 -24.11 -10.97 18.82
N ASP C 47 -24.70 -9.92 18.25
CA ASP C 47 -24.56 -9.66 16.83
C ASP C 47 -24.09 -8.25 16.49
N GLY C 48 -23.41 -7.56 17.39
CA GLY C 48 -23.04 -6.19 17.10
C GLY C 48 -21.65 -6.03 16.53
N PHE C 49 -21.27 -6.90 15.59
CA PHE C 49 -19.91 -6.92 15.02
C PHE C 49 -18.89 -7.45 16.02
N ASP C 50 -19.29 -8.41 16.87
CA ASP C 50 -18.33 -9.10 17.71
C ASP C 50 -17.24 -9.71 16.83
N VAL C 51 -15.99 -9.60 17.26
CA VAL C 51 -14.89 -10.26 16.58
C VAL C 51 -14.68 -11.61 17.26
N LEU C 52 -14.94 -12.69 16.53
CA LEU C 52 -14.77 -14.05 17.02
C LEU C 52 -13.53 -14.65 16.38
N ASP C 53 -12.54 -15.00 17.20
CA ASP C 53 -11.27 -15.45 16.64
C ASP C 53 -11.42 -16.87 16.11
N GLU C 54 -11.22 -17.85 17.00
CA GLU C 54 -11.44 -19.25 16.64
C GLU C 54 -12.89 -19.66 16.88
N GLY C 55 -13.36 -19.51 18.12
CA GLY C 55 -14.78 -19.68 18.41
C GLY C 55 -15.14 -18.98 19.70
N THR C 56 -14.41 -17.91 20.01
CA THR C 56 -14.54 -17.17 21.25
C THR C 56 -14.37 -15.69 20.94
N PRO C 57 -15.21 -14.82 21.49
CA PRO C 57 -15.10 -13.38 21.20
C PRO C 57 -13.81 -12.79 21.75
N LEU C 58 -13.34 -11.76 21.07
CA LEU C 58 -12.11 -11.06 21.42
C LEU C 58 -12.42 -9.70 22.03
N THR C 59 -11.53 -9.25 22.90
CA THR C 59 -11.63 -7.91 23.46
C THR C 59 -10.40 -7.10 23.03
N VAL C 60 -10.54 -5.78 23.10
CA VAL C 60 -9.50 -4.89 22.62
C VAL C 60 -8.35 -4.82 23.61
N ILE C 61 -7.15 -4.55 23.09
CA ILE C 61 -5.99 -4.41 23.95
C ILE C 61 -5.81 -3.00 24.48
N GLU C 62 -6.42 -2.00 23.86
CA GLU C 62 -6.37 -0.64 24.34
C GLU C 62 -7.74 -0.01 24.19
N GLU C 63 -7.95 1.12 24.86
CA GLU C 63 -9.17 1.90 24.68
C GLU C 63 -9.33 2.33 23.22
N PRO C 64 -10.56 2.38 22.70
CA PRO C 64 -10.74 2.82 21.31
C PRO C 64 -10.35 4.27 21.09
N ILE C 65 -9.95 4.57 19.86
CA ILE C 65 -9.59 5.93 19.46
C ILE C 65 -10.73 6.53 18.65
N VAL C 66 -10.97 7.83 18.82
CA VAL C 66 -11.98 8.57 18.07
C VAL C 66 -11.29 9.64 17.24
N THR C 67 -11.47 9.58 15.92
CA THR C 67 -10.91 10.59 15.03
C THR C 67 -11.99 11.06 14.07
N GLY C 68 -11.61 11.89 13.12
CA GLY C 68 -12.56 12.37 12.13
C GLY C 68 -12.03 13.63 11.49
N VAL C 69 -12.82 14.15 10.55
CA VAL C 69 -12.45 15.34 9.81
C VAL C 69 -13.46 16.45 10.08
N GLY C 70 -12.96 17.69 10.14
CA GLY C 70 -13.81 18.83 10.41
C GLY C 70 -14.12 18.99 11.88
N LYS C 71 -13.09 18.97 12.72
CA LYS C 71 -13.24 19.11 14.16
C LYS C 71 -13.94 20.41 14.53
N VAL C 72 -15.24 20.32 14.81
CA VAL C 72 -16.05 21.49 15.13
C VAL C 72 -16.20 21.57 16.64
N SER C 73 -16.89 22.61 17.12
CA SER C 73 -17.12 22.74 18.56
C SER C 73 -17.72 21.48 19.16
N GLU C 74 -18.72 20.90 18.48
CA GLU C 74 -19.35 19.65 18.90
C GLU C 74 -18.74 18.55 18.05
N GLY C 75 -17.57 18.07 18.49
CA GLY C 75 -16.96 16.94 17.80
C GLY C 75 -16.58 17.31 16.37
N PHE C 76 -17.01 16.48 15.44
CA PHE C 76 -16.61 16.61 14.04
C PHE C 76 -17.78 17.10 13.21
N SER C 77 -17.46 17.57 12.02
CA SER C 77 -18.47 18.14 11.15
C SER C 77 -18.87 17.23 10.02
N ASP C 78 -17.94 16.46 9.48
CA ASP C 78 -18.26 15.66 8.30
C ASP C 78 -17.94 14.17 8.42
N GLU C 79 -17.06 13.75 9.34
CA GLU C 79 -16.74 12.33 9.41
C GLU C 79 -16.17 11.99 10.78
N VAL C 80 -16.68 10.90 11.34
CA VAL C 80 -16.23 10.36 12.62
C VAL C 80 -15.78 8.92 12.40
N SER C 81 -14.65 8.55 13.00
CA SER C 81 -14.16 7.19 12.96
C SER C 81 -13.84 6.72 14.35
N MET C 82 -13.99 5.41 14.57
CA MET C 82 -13.62 4.79 15.84
C MET C 82 -12.75 3.59 15.54
N VAL C 83 -11.60 3.55 16.20
CA VAL C 83 -10.57 2.54 15.97
C VAL C 83 -10.56 1.62 17.16
N TYR C 84 -10.65 0.33 16.87
CA TYR C 84 -10.60 -0.72 17.86
C TYR C 84 -9.45 -1.63 17.49
N ASN C 85 -8.59 -1.89 18.46
CA ASN C 85 -7.38 -2.66 18.25
C ASN C 85 -7.45 -3.94 19.06
N TYR C 86 -7.58 -5.08 18.37
CA TYR C 86 -7.57 -6.38 19.01
C TYR C 86 -6.20 -7.03 18.98
N GLY C 87 -5.17 -6.29 18.58
CA GLY C 87 -3.83 -6.81 18.51
C GLY C 87 -3.50 -7.26 17.11
N TYR C 88 -4.05 -8.40 16.73
CA TYR C 88 -3.94 -8.89 15.36
C TYR C 88 -5.18 -8.58 14.54
N VAL C 89 -6.14 -7.84 15.10
CA VAL C 89 -7.32 -7.40 14.39
C VAL C 89 -7.50 -5.91 14.66
N LYS C 90 -7.73 -5.16 13.60
CA LYS C 90 -8.06 -3.74 13.67
C LYS C 90 -9.43 -3.55 13.05
N LYS C 91 -10.33 -2.87 13.75
CA LYS C 91 -11.69 -2.64 13.28
C LYS C 91 -12.05 -1.18 13.44
N ILE C 92 -12.48 -0.55 12.36
CA ILE C 92 -12.78 0.88 12.31
C ILE C 92 -14.21 1.07 11.84
N PHE C 93 -15.00 1.81 12.64
CA PHE C 93 -16.34 2.26 12.24
C PHE C 93 -16.27 3.68 11.73
N THR C 94 -16.85 3.92 10.55
CA THR C 94 -16.87 5.28 10.02
C THR C 94 -18.29 5.73 9.72
N ILE C 95 -18.64 6.89 10.25
CA ILE C 95 -19.94 7.51 10.09
C ILE C 95 -19.73 8.88 9.46
N LYS C 96 -20.29 9.08 8.27
CA LYS C 96 -20.23 10.36 7.56
C LYS C 96 -21.54 11.10 7.70
N ASN C 97 -21.49 12.40 7.52
CA ASN C 97 -22.64 13.25 7.69
C ASN C 97 -23.58 13.25 6.52
N ASN C 98 -23.58 12.18 5.75
CA ASN C 98 -24.45 12.06 4.58
C ASN C 98 -25.93 11.97 4.93
N GLU C 99 -26.29 11.74 6.20
CA GLU C 99 -27.68 11.53 6.61
C GLU C 99 -28.34 10.43 5.79
N ASN C 100 -27.62 9.32 5.63
CA ASN C 100 -28.08 8.22 4.78
C ASN C 100 -28.32 6.93 5.55
N TYR C 101 -28.17 6.92 6.88
CA TYR C 101 -28.26 5.69 7.67
C TYR C 101 -27.26 4.63 7.18
N THR C 102 -26.10 5.08 6.71
CA THR C 102 -25.10 4.20 6.13
C THR C 102 -23.79 4.44 6.85
N PHE C 103 -23.20 3.38 7.39
CA PHE C 103 -21.88 3.51 7.96
C PHE C 103 -20.98 2.42 7.38
N PHE C 104 -19.69 2.53 7.69
CA PHE C 104 -18.65 1.68 7.11
C PHE C 104 -17.91 0.94 8.21
N VAL C 105 -17.57 -0.32 7.94
CA VAL C 105 -16.79 -1.12 8.87
C VAL C 105 -15.56 -1.59 8.10
N ASP C 106 -14.47 -0.84 8.22
CA ASP C 106 -13.17 -1.20 7.65
C ASP C 106 -12.44 -2.10 8.64
N ILE C 107 -12.09 -3.31 8.23
CA ILE C 107 -11.61 -4.31 9.16
C ILE C 107 -10.37 -4.98 8.56
N GLU C 108 -9.42 -5.34 9.43
CA GLU C 108 -8.16 -5.92 9.00
C GLU C 108 -7.69 -6.97 10.01
N SER C 109 -7.16 -8.08 9.52
CA SER C 109 -6.72 -9.13 10.43
C SER C 109 -5.48 -9.82 9.88
N SER C 110 -4.75 -10.45 10.80
CA SER C 110 -3.59 -11.26 10.44
C SER C 110 -3.94 -12.73 10.29
N LYS C 111 -4.93 -13.21 11.04
CA LYS C 111 -5.49 -14.54 10.90
C LYS C 111 -6.97 -14.42 10.65
N PRO C 112 -7.60 -15.44 10.07
CA PRO C 112 -9.03 -15.36 9.79
C PRO C 112 -9.86 -15.28 11.07
N VAL C 113 -10.83 -14.36 11.07
CA VAL C 113 -11.73 -14.11 12.20
C VAL C 113 -13.16 -14.03 11.68
N ASP C 114 -14.10 -14.04 12.62
CA ASP C 114 -15.53 -13.97 12.31
C ASP C 114 -16.12 -12.73 12.94
N VAL C 115 -16.99 -12.05 12.20
CA VAL C 115 -17.62 -10.83 12.65
C VAL C 115 -19.12 -11.07 12.57
N THR C 116 -19.78 -11.16 13.72
CA THR C 116 -21.23 -11.36 13.75
C THR C 116 -21.96 -10.17 13.13
N VAL C 117 -23.10 -10.44 12.49
CA VAL C 117 -23.84 -9.38 11.80
C VAL C 117 -25.10 -8.97 12.56
N PRO C 118 -25.41 -7.68 12.64
CA PRO C 118 -26.62 -7.24 13.34
C PRO C 118 -27.91 -7.70 12.69
N ARG C 119 -28.87 -8.07 13.52
CA ARG C 119 -30.23 -8.41 13.09
C ARG C 119 -31.22 -7.53 13.83
N VAL C 120 -32.09 -6.85 13.08
CA VAL C 120 -33.17 -6.08 13.70
C VAL C 120 -34.48 -6.83 13.72
N SER C 121 -34.55 -8.01 13.13
CA SER C 121 -35.79 -8.76 13.05
C SER C 121 -36.01 -9.59 14.31
N VAL C 122 -37.27 -9.72 14.71
CA VAL C 122 -37.59 -10.58 15.85
C VAL C 122 -37.35 -12.06 15.53
N ASP C 123 -37.58 -12.48 14.28
CA ASP C 123 -37.43 -13.87 13.89
C ASP C 123 -36.64 -13.95 12.59
N THR C 124 -36.26 -15.17 12.21
CA THR C 124 -35.53 -15.37 10.96
C THR C 124 -36.43 -15.25 9.75
N SER C 125 -37.75 -15.23 9.94
CA SER C 125 -38.68 -15.19 8.80
C SER C 125 -38.42 -13.98 7.92
N THR C 126 -38.16 -12.81 8.52
CA THR C 126 -37.93 -11.58 7.77
C THR C 126 -36.44 -11.30 7.56
N ASP C 127 -35.61 -12.34 7.48
CA ASP C 127 -34.21 -12.21 7.12
C ASP C 127 -33.95 -12.84 5.76
N ARG C 128 -33.02 -12.26 5.01
CA ARG C 128 -32.70 -12.73 3.67
C ARG C 128 -31.19 -12.84 3.49
N TYR C 129 -30.76 -13.99 2.98
CA TYR C 129 -29.37 -14.24 2.63
C TYR C 129 -29.25 -14.16 1.11
N MET C 130 -28.84 -12.99 0.62
CA MET C 130 -28.78 -12.72 -0.80
C MET C 130 -27.35 -12.60 -1.30
N GLU C 131 -27.20 -12.63 -2.62
CA GLU C 131 -25.91 -12.48 -3.28
C GLU C 131 -25.17 -11.24 -2.76
N ASN C 132 -24.09 -11.45 -2.01
CA ASN C 132 -23.23 -10.39 -1.50
C ASN C 132 -23.89 -9.51 -0.45
N TYR C 133 -25.11 -9.83 -0.03
CA TYR C 133 -25.86 -8.95 0.85
C TYR C 133 -26.63 -9.76 1.88
N PHE C 134 -26.59 -9.29 3.12
CA PHE C 134 -27.48 -9.78 4.18
C PHE C 134 -28.55 -8.72 4.44
N ALA C 135 -29.80 -9.15 4.47
CA ALA C 135 -30.91 -8.25 4.77
C ALA C 135 -31.62 -8.72 6.03
N SER C 136 -32.06 -7.75 6.84
CA SER C 136 -32.84 -8.01 8.03
C SER C 136 -33.88 -6.91 8.16
N PHE C 137 -35.14 -7.28 8.36
CA PHE C 137 -36.21 -6.28 8.41
C PHE C 137 -37.06 -6.51 9.65
N ASN C 138 -37.27 -5.45 10.41
CA ASN C 138 -38.20 -5.47 11.52
C ASN C 138 -39.50 -4.81 11.07
N PRO C 139 -40.59 -5.57 10.93
CA PRO C 139 -41.86 -4.98 10.50
C PRO C 139 -42.52 -4.13 11.58
N LYS C 140 -42.19 -4.34 12.85
CA LYS C 140 -42.76 -3.50 13.90
C LYS C 140 -42.20 -2.09 13.85
N THR C 141 -40.89 -1.95 13.70
CA THR C 141 -40.27 -0.63 13.62
C THR C 141 -40.04 -0.17 12.19
N ARG C 142 -40.39 -0.99 11.20
CA ARG C 142 -40.15 -0.69 9.78
C ARG C 142 -38.66 -0.43 9.52
N THR C 143 -37.79 -1.22 10.15
CA THR C 143 -36.36 -0.96 10.08
C THR C 143 -35.66 -1.99 9.21
N LEU C 144 -34.88 -1.50 8.24
CA LEU C 144 -34.14 -2.33 7.32
C LEU C 144 -32.64 -2.27 7.61
N VAL C 145 -32.01 -3.45 7.62
CA VAL C 145 -30.56 -3.60 7.68
C VAL C 145 -30.10 -4.29 6.40
N LEU C 146 -29.23 -3.61 5.66
CA LEU C 146 -28.64 -4.13 4.42
C LEU C 146 -27.13 -4.09 4.56
N LEU C 147 -26.49 -5.25 4.64
CA LEU C 147 -25.03 -5.33 4.78
C LEU C 147 -24.42 -5.93 3.53
N LYS C 148 -23.55 -5.16 2.87
CA LYS C 148 -22.85 -5.65 1.69
C LYS C 148 -21.60 -6.39 2.14
N HIS C 149 -21.65 -7.72 2.10
CA HIS C 149 -20.53 -8.52 2.59
C HIS C 149 -19.65 -9.10 1.50
N ASP C 150 -20.08 -9.12 0.24
CA ASP C 150 -19.24 -9.55 -0.87
C ASP C 150 -18.74 -10.99 -0.70
N GLU C 151 -19.55 -11.82 -0.04
CA GLU C 151 -19.26 -13.25 0.10
C GLU C 151 -20.02 -14.10 -0.90
N GLY C 152 -20.88 -13.50 -1.72
CA GLY C 152 -21.54 -14.18 -2.83
C GLY C 152 -22.21 -15.50 -2.52
N LEU C 153 -23.33 -15.45 -1.79
CA LEU C 153 -24.14 -16.63 -1.49
C LEU C 153 -23.44 -17.64 -0.59
N LEU C 154 -22.16 -17.42 -0.29
CA LEU C 154 -21.42 -18.29 0.63
C LEU C 154 -21.50 -17.80 2.07
N PHE C 155 -22.21 -16.71 2.31
CA PHE C 155 -22.34 -16.16 3.64
C PHE C 155 -23.11 -17.13 4.56
N GLU C 156 -22.61 -17.32 5.78
CA GLU C 156 -23.19 -18.30 6.68
C GLU C 156 -23.67 -17.71 8.01
N GLY C 157 -23.86 -16.40 8.08
CA GLY C 157 -24.31 -15.75 9.30
C GLY C 157 -23.23 -14.96 10.01
N THR C 158 -21.96 -15.18 9.67
CA THR C 158 -20.84 -14.41 10.21
C THR C 158 -19.92 -14.00 9.07
N LEU C 159 -19.47 -12.75 9.10
CA LEU C 159 -18.49 -12.26 8.16
C LEU C 159 -17.17 -12.98 8.38
N LYS C 160 -16.65 -13.59 7.33
CA LYS C 160 -15.32 -14.18 7.37
C LYS C 160 -14.33 -13.10 6.96
N VAL C 161 -13.42 -12.74 7.86
CA VAL C 161 -12.45 -11.68 7.60
C VAL C 161 -11.05 -12.27 7.65
N ASN C 162 -10.25 -11.97 6.63
CA ASN C 162 -8.85 -12.37 6.58
C ASN C 162 -8.16 -11.39 5.66
N GLY C 163 -7.29 -10.55 6.22
CA GLY C 163 -6.70 -9.48 5.43
C GLY C 163 -7.54 -8.23 5.56
N GLN C 164 -7.61 -7.41 4.51
CA GLN C 164 -8.38 -6.18 4.54
C GLN C 164 -9.76 -6.42 3.92
N LYS C 165 -10.78 -5.80 4.53
CA LYS C 165 -12.11 -5.82 3.94
C LYS C 165 -12.92 -4.66 4.48
N ARG C 166 -13.77 -4.08 3.63
CA ARG C 166 -14.67 -2.99 4.01
C ARG C 166 -16.10 -3.44 3.83
N PHE C 167 -16.91 -3.25 4.86
CA PHE C 167 -18.33 -3.56 4.81
C PHE C 167 -19.13 -2.27 4.83
N ILE C 168 -20.12 -2.18 3.94
CA ILE C 168 -21.04 -1.06 3.90
C ILE C 168 -22.35 -1.52 4.54
N VAL C 169 -22.82 -0.78 5.55
CA VAL C 169 -23.96 -1.19 6.34
C VAL C 169 -25.02 -0.10 6.29
N PHE C 170 -26.15 -0.41 5.66
CA PHE C 170 -27.33 0.46 5.70
C PHE C 170 -28.21 -0.01 6.85
N MET C 171 -28.66 0.93 7.67
CA MET C 171 -29.46 0.57 8.85
C MET C 171 -30.41 1.74 9.08
N GLY C 172 -31.68 1.56 8.75
CA GLY C 172 -32.62 2.62 8.91
C GLY C 172 -33.89 2.36 8.16
N PRO C 173 -34.65 3.42 7.88
CA PRO C 173 -35.99 3.23 7.31
C PRO C 173 -35.91 2.60 5.94
N ASN C 174 -37.03 2.00 5.54
CA ASN C 174 -37.18 1.45 4.20
C ASN C 174 -37.52 2.57 3.20
N LYS C 175 -36.48 3.32 2.80
CA LYS C 175 -36.63 4.47 1.91
C LYS C 175 -35.82 4.23 0.63
N ARG C 176 -36.56 4.06 -0.46
CA ARG C 176 -36.02 3.75 -1.78
C ARG C 176 -34.74 4.59 -2.05
N THR C 177 -34.84 5.91 -2.00
CA THR C 177 -33.77 6.80 -2.43
C THR C 177 -32.49 6.57 -1.63
N LEU C 178 -32.61 6.31 -0.33
CA LEU C 178 -31.44 6.10 0.51
C LEU C 178 -30.73 4.79 0.17
N ILE C 179 -31.50 3.75 -0.17
CA ILE C 179 -30.89 2.51 -0.61
C ILE C 179 -30.18 2.70 -1.94
N LYS C 180 -30.78 3.49 -2.85
CA LYS C 180 -30.11 3.76 -4.12
C LYS C 180 -28.82 4.54 -3.88
N LYS C 181 -28.85 5.51 -2.96
CA LYS C 181 -27.65 6.26 -2.63
C LYS C 181 -26.60 5.39 -1.95
N ALA C 182 -27.02 4.33 -1.26
CA ALA C 182 -26.06 3.46 -0.58
C ALA C 182 -25.44 2.44 -1.51
N PHE C 183 -26.24 1.85 -2.40
CA PHE C 183 -25.79 0.78 -3.29
C PHE C 183 -26.29 1.06 -4.69
N PRO C 184 -25.68 2.03 -5.38
CA PRO C 184 -26.21 2.44 -6.69
C PRO C 184 -26.26 1.32 -7.71
N GLU C 185 -25.23 0.47 -7.75
CA GLU C 185 -25.14 -0.49 -8.85
C GLU C 185 -26.06 -1.67 -8.64
N ASP C 186 -26.09 -2.24 -7.44
CA ASP C 186 -26.92 -3.42 -7.16
C ASP C 186 -28.37 -3.07 -6.82
N TYR C 187 -28.74 -1.79 -6.90
CA TYR C 187 -30.03 -1.32 -6.40
C TYR C 187 -31.20 -2.12 -6.99
N ASP C 188 -31.23 -2.24 -8.33
CA ASP C 188 -32.33 -2.91 -9.02
C ASP C 188 -32.58 -4.32 -8.47
N VAL C 189 -31.55 -5.17 -8.53
CA VAL C 189 -31.65 -6.55 -8.07
C VAL C 189 -31.95 -6.59 -6.57
N LEU C 190 -31.31 -5.70 -5.81
CA LEU C 190 -31.52 -5.68 -4.37
C LEU C 190 -32.99 -5.49 -4.03
N ILE C 191 -33.60 -4.46 -4.60
CA ILE C 191 -34.95 -4.12 -4.18
C ILE C 191 -35.95 -5.12 -4.75
N LYS C 192 -35.74 -5.55 -6.01
CA LYS C 192 -36.55 -6.64 -6.52
C LYS C 192 -36.47 -7.86 -5.63
N ALA C 193 -35.35 -8.06 -4.93
CA ALA C 193 -35.26 -9.17 -3.99
C ALA C 193 -35.94 -8.86 -2.66
N LEU C 194 -35.87 -7.60 -2.21
CA LEU C 194 -36.45 -7.23 -0.93
C LEU C 194 -37.97 -7.24 -0.96
N VAL C 195 -38.58 -7.24 -2.15
CA VAL C 195 -40.01 -7.44 -2.25
C VAL C 195 -40.46 -8.71 -1.52
N ASN C 196 -39.65 -9.76 -1.54
CA ASN C 196 -40.09 -11.06 -1.03
C ASN C 196 -40.27 -11.07 0.49
N ILE C 197 -39.58 -10.19 1.21
CA ILE C 197 -39.77 -10.06 2.66
C ILE C 197 -41.16 -9.47 2.86
N PRO C 198 -41.84 -9.72 3.99
CA PRO C 198 -43.15 -9.09 4.24
C PRO C 198 -43.23 -7.62 3.87
N GLY C 199 -42.49 -6.75 4.56
CA GLY C 199 -42.47 -5.36 4.18
C GLY C 199 -43.71 -4.67 4.72
N ILE D 1 24.58 13.14 -8.17
CA ILE D 1 23.86 13.82 -9.24
C ILE D 1 24.83 14.04 -10.40
N LYS D 2 26.12 14.05 -10.10
CA LYS D 2 27.17 14.10 -11.11
C LYS D 2 28.11 12.94 -10.87
N VAL D 3 28.31 12.11 -11.88
CA VAL D 3 29.20 10.94 -11.79
C VAL D 3 30.43 11.19 -12.65
N VAL D 4 31.59 11.01 -12.05
CA VAL D 4 32.88 11.14 -12.73
C VAL D 4 33.61 9.81 -12.59
N ARG D 5 33.76 9.09 -13.69
CA ARG D 5 34.45 7.81 -13.70
C ARG D 5 35.88 8.01 -14.18
N SER D 6 36.85 7.79 -13.29
CA SER D 6 38.24 8.16 -13.54
C SER D 6 39.12 6.97 -13.88
N GLU D 7 38.54 5.86 -14.33
CA GLU D 7 39.31 4.67 -14.66
C GLU D 7 40.16 4.19 -13.49
N LYS D 8 39.92 4.73 -12.29
CA LYS D 8 40.63 4.34 -11.08
C LYS D 8 39.68 4.43 -9.90
N GLU D 9 38.70 5.32 -10.01
CA GLU D 9 37.66 5.45 -9.01
C GLU D 9 36.45 6.09 -9.67
N ILE D 10 35.32 5.98 -8.99
CA ILE D 10 34.06 6.58 -9.40
C ILE D 10 33.68 7.59 -8.32
N VAL D 11 33.38 8.82 -8.74
CA VAL D 11 33.03 9.89 -7.83
C VAL D 11 31.60 10.29 -8.10
N VAL D 12 30.79 10.37 -7.03
CA VAL D 12 29.39 10.75 -7.13
C VAL D 12 29.20 12.00 -6.30
N LEU D 13 28.75 13.07 -6.94
CA LEU D 13 28.73 14.40 -6.35
C LEU D 13 27.31 14.94 -6.37
N THR D 14 26.79 15.27 -5.19
CA THR D 14 25.51 15.95 -5.06
C THR D 14 25.79 17.35 -4.50
N ARG D 15 24.74 18.01 -4.03
CA ARG D 15 24.93 19.34 -3.48
C ARG D 15 25.70 19.30 -2.16
N PHE D 16 25.51 18.27 -1.33
CA PHE D 16 26.14 18.21 -0.01
C PHE D 16 27.00 16.97 0.23
N GLU D 17 27.18 16.12 -0.77
CA GLU D 17 27.85 14.85 -0.59
C GLU D 17 28.85 14.63 -1.73
N GLU D 18 29.97 13.99 -1.40
CA GLU D 18 30.95 13.54 -2.38
C GLU D 18 31.40 12.14 -1.98
N TYR D 19 31.00 11.14 -2.77
CA TYR D 19 31.40 9.76 -2.56
C TYR D 19 32.53 9.39 -3.52
N HIS D 20 33.53 8.69 -2.98
CA HIS D 20 34.65 8.13 -3.73
C HIS D 20 34.63 6.62 -3.56
N PHE D 21 34.32 5.92 -4.66
CA PHE D 21 34.29 4.46 -4.74
C PHE D 21 35.43 3.94 -5.61
N ASP D 22 35.93 2.75 -5.29
CA ASP D 22 36.95 2.15 -6.12
C ASP D 22 36.32 1.31 -7.23
N LEU D 23 37.16 0.65 -8.03
CA LEU D 23 36.68 -0.18 -9.13
C LEU D 23 36.96 -1.66 -8.94
N GLU D 24 37.92 -2.05 -8.09
CA GLU D 24 38.38 -3.44 -7.98
C GLU D 24 37.72 -4.19 -6.84
N LYS D 25 37.47 -3.52 -5.71
CA LYS D 25 36.93 -4.17 -4.52
C LYS D 25 35.50 -3.76 -4.21
N GLY D 26 34.98 -2.74 -4.89
CA GLY D 26 33.66 -2.24 -4.58
C GLY D 26 33.52 -1.60 -3.22
N ILE D 27 34.58 -0.94 -2.73
CA ILE D 27 34.56 -0.36 -1.41
C ILE D 27 34.28 1.14 -1.51
N LEU D 28 33.78 1.71 -0.42
CA LEU D 28 33.76 3.16 -0.28
C LEU D 28 35.15 3.62 0.14
N LYS D 29 35.78 4.44 -0.71
CA LYS D 29 37.13 4.93 -0.44
C LYS D 29 37.10 6.18 0.43
N ASP D 30 36.30 7.18 0.07
CA ASP D 30 36.28 8.43 0.84
C ASP D 30 34.91 9.07 0.76
N PHE D 31 34.56 9.81 1.81
CA PHE D 31 33.31 10.54 1.79
C PHE D 31 33.55 11.94 2.35
N TYR D 32 33.02 12.93 1.64
CA TYR D 32 33.07 14.35 1.97
C TYR D 32 31.66 14.88 2.11
N THR D 33 31.38 15.53 3.23
CA THR D 33 30.23 16.44 3.30
C THR D 33 30.70 17.81 2.85
N MET D 34 29.74 18.62 2.41
CA MET D 34 30.05 19.93 1.84
C MET D 34 29.14 21.03 2.38
N VAL D 35 28.28 20.72 3.33
CA VAL D 35 27.32 21.70 3.83
C VAL D 35 28.01 22.81 4.61
N ASP D 36 29.19 22.50 5.14
CA ASP D 36 30.00 23.51 5.83
C ASP D 36 31.42 23.45 5.28
N GLY D 37 31.55 23.70 3.98
CA GLY D 37 32.81 23.53 3.31
C GLY D 37 33.18 22.05 3.15
N ARG D 38 34.09 21.80 2.23
CA ARG D 38 34.45 20.43 1.87
C ARG D 38 35.18 19.79 3.06
N LYS D 39 34.48 18.94 3.81
CA LYS D 39 35.00 18.36 5.03
C LYS D 39 35.16 16.85 4.86
N HIS D 40 36.40 16.37 4.97
CA HIS D 40 36.75 14.97 4.76
C HIS D 40 36.35 14.20 6.02
N VAL D 41 35.21 13.51 5.95
CA VAL D 41 34.67 12.88 7.15
C VAL D 41 34.82 11.37 7.17
N PHE D 42 34.99 10.74 6.00
CA PHE D 42 35.24 9.31 6.00
C PHE D 42 36.40 8.95 5.09
N THR D 43 37.31 8.15 5.62
CA THR D 43 38.40 7.56 4.87
C THR D 43 38.40 6.06 5.13
N TYR D 44 38.65 5.28 4.08
CA TYR D 44 38.58 3.83 4.14
C TYR D 44 39.69 3.28 5.03
N GLY D 45 39.30 2.65 6.15
CA GLY D 45 40.24 1.87 6.92
C GLY D 45 40.27 0.45 6.39
N ASN D 46 39.50 -0.43 6.99
CA ASN D 46 39.14 -1.70 6.37
C ASN D 46 37.65 -1.89 6.53
N ASP D 47 36.91 -0.84 6.19
CA ASP D 47 35.53 -0.72 6.64
C ASP D 47 34.63 -0.07 5.60
N GLY D 48 35.03 -0.08 4.33
CA GLY D 48 34.19 0.55 3.33
C GLY D 48 33.33 -0.43 2.55
N PHE D 49 32.64 -1.33 3.26
CA PHE D 49 31.77 -2.35 2.64
C PHE D 49 32.57 -3.42 1.89
N ASP D 50 33.77 -3.75 2.39
CA ASP D 50 34.50 -4.89 1.88
C ASP D 50 33.67 -6.15 2.02
N VAL D 51 33.60 -6.95 0.96
CA VAL D 51 32.95 -8.25 1.00
C VAL D 51 34.02 -9.28 1.39
N LEU D 52 33.91 -9.83 2.59
CA LEU D 52 34.84 -10.86 3.09
C LEU D 52 34.18 -12.23 2.95
N ASP D 53 34.72 -13.09 2.08
CA ASP D 53 34.02 -14.34 1.83
C ASP D 53 34.12 -15.28 3.01
N GLU D 54 35.33 -15.48 3.52
CA GLU D 54 35.44 -16.07 4.83
C GLU D 54 36.67 -15.52 5.54
N GLY D 55 37.79 -15.48 4.83
CA GLY D 55 38.96 -14.84 5.40
C GLY D 55 39.42 -13.65 4.58
N THR D 56 39.46 -13.83 3.27
CA THR D 56 40.04 -12.79 2.45
C THR D 56 38.94 -11.97 1.79
N PRO D 57 39.23 -10.71 1.48
CA PRO D 57 38.26 -9.89 0.76
C PRO D 57 38.15 -10.31 -0.70
N LEU D 58 37.00 -9.99 -1.30
CA LEU D 58 36.70 -10.36 -2.67
C LEU D 58 36.86 -9.16 -3.60
N THR D 59 37.24 -9.43 -4.85
CA THR D 59 37.26 -8.43 -5.88
C THR D 59 36.18 -8.74 -6.91
N VAL D 60 35.71 -7.70 -7.59
CA VAL D 60 34.65 -7.91 -8.58
C VAL D 60 35.21 -8.71 -9.76
N ILE D 61 34.33 -9.48 -10.39
CA ILE D 61 34.77 -10.23 -11.56
C ILE D 61 34.71 -9.39 -12.83
N GLU D 62 33.95 -8.29 -12.81
CA GLU D 62 33.87 -7.38 -13.94
C GLU D 62 33.81 -5.95 -13.44
N GLU D 63 34.14 -5.04 -14.34
CA GLU D 63 34.12 -3.62 -14.01
C GLU D 63 32.71 -3.21 -13.58
N PRO D 64 32.58 -2.32 -12.59
CA PRO D 64 31.26 -1.93 -12.12
C PRO D 64 30.45 -1.23 -13.22
N ILE D 65 29.14 -1.20 -13.02
CA ILE D 65 28.22 -0.58 -13.96
C ILE D 65 27.59 0.64 -13.29
N VAL D 66 27.53 1.75 -14.01
CA VAL D 66 26.86 2.96 -13.53
C VAL D 66 25.57 3.14 -14.32
N THR D 67 24.46 3.25 -13.59
CA THR D 67 23.13 3.38 -14.14
C THR D 67 22.36 4.45 -13.37
N GLY D 68 21.15 4.74 -13.81
CA GLY D 68 20.32 5.68 -13.07
C GLY D 68 19.19 6.21 -13.90
N VAL D 69 18.34 7.00 -13.25
CA VAL D 69 17.12 7.52 -13.86
C VAL D 69 17.26 9.03 -14.03
N GLY D 70 16.71 9.53 -15.14
CA GLY D 70 16.77 10.94 -15.44
C GLY D 70 18.15 11.37 -15.88
N LYS D 71 18.74 10.65 -16.84
CA LYS D 71 20.10 10.91 -17.28
C LYS D 71 20.24 12.30 -17.88
N VAL D 72 20.68 13.27 -17.08
CA VAL D 72 20.82 14.67 -17.48
C VAL D 72 22.19 14.90 -18.10
N SER D 73 22.47 16.15 -18.50
CA SER D 73 23.75 16.49 -19.09
C SER D 73 24.91 16.04 -18.19
N GLU D 74 24.75 16.19 -16.89
CA GLU D 74 25.74 15.74 -15.91
C GLU D 74 25.22 14.45 -15.27
N GLY D 75 25.59 13.32 -15.87
CA GLY D 75 25.23 12.00 -15.39
C GLY D 75 23.73 11.79 -15.21
N PHE D 76 23.26 11.79 -13.97
CA PHE D 76 21.88 11.50 -13.67
C PHE D 76 21.32 12.60 -12.78
N SER D 77 20.02 12.79 -12.89
CA SER D 77 19.36 13.87 -12.18
C SER D 77 18.90 13.48 -10.79
N ASP D 78 18.58 12.21 -10.56
CA ASP D 78 17.88 11.89 -9.32
C ASP D 78 18.24 10.55 -8.71
N GLU D 79 18.79 9.64 -9.49
CA GLU D 79 19.23 8.36 -8.99
C GLU D 79 20.52 7.98 -9.70
N VAL D 80 21.49 7.53 -8.92
CA VAL D 80 22.68 6.88 -9.45
C VAL D 80 22.79 5.52 -8.77
N SER D 81 23.20 4.51 -9.53
CA SER D 81 23.41 3.18 -8.98
C SER D 81 24.70 2.59 -9.55
N MET D 82 25.51 2.02 -8.68
CA MET D 82 26.73 1.32 -9.08
C MET D 82 26.57 -0.14 -8.73
N VAL D 83 26.69 -0.99 -9.75
CA VAL D 83 26.61 -2.43 -9.62
C VAL D 83 28.02 -2.99 -9.59
N TYR D 84 28.30 -3.72 -8.52
CA TYR D 84 29.53 -4.46 -8.32
C TYR D 84 29.17 -5.94 -8.32
N ASN D 85 29.78 -6.71 -9.22
CA ASN D 85 29.47 -8.11 -9.42
C ASN D 85 30.69 -8.93 -9.00
N TYR D 86 30.56 -9.68 -7.91
CA TYR D 86 31.65 -10.55 -7.45
C TYR D 86 31.44 -11.99 -7.89
N GLY D 87 30.55 -12.21 -8.85
CA GLY D 87 30.29 -13.54 -9.32
C GLY D 87 29.17 -14.17 -8.51
N TYR D 88 29.46 -14.49 -7.26
CA TYR D 88 28.45 -15.03 -6.38
C TYR D 88 27.95 -14.00 -5.38
N VAL D 89 28.40 -12.76 -5.49
CA VAL D 89 27.90 -11.65 -4.70
C VAL D 89 27.66 -10.46 -5.63
N LYS D 90 26.50 -9.84 -5.49
CA LYS D 90 26.13 -8.61 -6.17
C LYS D 90 25.90 -7.53 -5.12
N LYS D 91 26.49 -6.36 -5.32
CA LYS D 91 26.38 -5.23 -4.40
C LYS D 91 26.06 -3.98 -5.21
N ILE D 92 24.94 -3.34 -4.91
CA ILE D 92 24.48 -2.16 -5.64
C ILE D 92 24.38 -1.01 -4.66
N PHE D 93 25.19 0.02 -4.88
CA PHE D 93 25.02 1.28 -4.16
C PHE D 93 24.02 2.13 -4.91
N THR D 94 23.13 2.78 -4.18
CA THR D 94 22.16 3.70 -4.78
C THR D 94 22.17 5.01 -4.02
N ILE D 95 22.34 6.11 -4.77
CA ILE D 95 22.36 7.46 -4.24
C ILE D 95 21.25 8.22 -4.93
N LYS D 96 20.25 8.63 -4.16
CA LYS D 96 19.15 9.41 -4.68
C LYS D 96 19.34 10.87 -4.32
N ASN D 97 18.81 11.75 -5.15
CA ASN D 97 18.92 13.19 -4.95
C ASN D 97 17.97 13.70 -3.86
N ASN D 98 17.85 12.96 -2.74
CA ASN D 98 16.95 13.35 -1.67
C ASN D 98 17.57 14.37 -0.73
N GLU D 99 18.85 14.69 -0.89
CA GLU D 99 19.58 15.57 0.01
C GLU D 99 19.35 15.19 1.46
N ASN D 100 19.52 13.90 1.74
CA ASN D 100 19.30 13.35 3.07
C ASN D 100 20.54 12.64 3.61
N TYR D 101 21.68 12.68 2.90
CA TYR D 101 22.89 11.99 3.32
C TYR D 101 22.63 10.50 3.54
N THR D 102 21.65 9.97 2.82
CA THR D 102 21.16 8.61 2.98
C THR D 102 21.33 7.89 1.66
N PHE D 103 22.16 6.85 1.66
CA PHE D 103 22.24 5.99 0.49
C PHE D 103 21.86 4.57 0.87
N PHE D 104 21.76 3.74 -0.15
CA PHE D 104 21.28 2.37 0.01
C PHE D 104 22.35 1.44 -0.53
N VAL D 105 22.41 0.25 0.07
CA VAL D 105 23.30 -0.82 -0.38
C VAL D 105 22.44 -2.07 -0.47
N ASP D 106 22.04 -2.42 -1.69
CA ASP D 106 21.31 -3.66 -1.96
C ASP D 106 22.31 -4.77 -2.27
N ILE D 107 22.17 -5.89 -1.58
CA ILE D 107 23.22 -6.89 -1.64
C ILE D 107 22.54 -8.25 -1.80
N GLU D 108 23.22 -9.14 -2.54
CA GLU D 108 22.69 -10.48 -2.78
C GLU D 108 23.87 -11.43 -2.90
N SER D 109 23.90 -12.46 -2.07
CA SER D 109 24.98 -13.43 -2.16
C SER D 109 24.40 -14.82 -2.36
N SER D 110 25.26 -15.72 -2.85
CA SER D 110 24.93 -17.13 -2.96
C SER D 110 25.35 -17.92 -1.74
N LYS D 111 26.36 -17.47 -1.03
CA LYS D 111 26.85 -18.09 0.19
C LYS D 111 27.07 -17.01 1.23
N PRO D 112 27.10 -17.37 2.51
CA PRO D 112 27.26 -16.36 3.56
C PRO D 112 28.56 -15.60 3.43
N VAL D 113 28.45 -14.28 3.40
CA VAL D 113 29.61 -13.40 3.36
C VAL D 113 29.47 -12.37 4.47
N ASP D 114 30.56 -11.64 4.70
CA ASP D 114 30.62 -10.56 5.65
C ASP D 114 30.93 -9.27 4.93
N VAL D 115 30.24 -8.20 5.32
CA VAL D 115 30.47 -6.88 4.76
C VAL D 115 30.88 -5.96 5.90
N THR D 116 32.05 -5.33 5.77
CA THR D 116 32.46 -4.40 6.80
C THR D 116 31.59 -3.15 6.75
N VAL D 117 31.52 -2.47 7.89
CA VAL D 117 30.66 -1.30 8.08
C VAL D 117 31.54 -0.09 8.29
N PRO D 118 31.28 1.03 7.60
CA PRO D 118 32.11 2.22 7.79
C PRO D 118 31.97 2.83 9.18
N ARG D 119 33.10 3.25 9.74
CA ARG D 119 33.13 3.99 10.98
C ARG D 119 33.70 5.38 10.72
N VAL D 120 33.13 6.39 11.37
CA VAL D 120 33.71 7.73 11.37
C VAL D 120 34.41 8.05 12.69
N SER D 121 34.29 7.18 13.69
CA SER D 121 34.82 7.49 15.02
C SER D 121 36.32 7.22 15.09
N VAL D 122 37.00 7.97 15.95
CA VAL D 122 38.43 7.73 16.18
C VAL D 122 38.64 6.48 17.02
N ASP D 123 37.75 6.20 17.96
CA ASP D 123 37.82 5.02 18.81
C ASP D 123 36.42 4.46 19.03
N THR D 124 36.38 3.27 19.63
CA THR D 124 35.11 2.58 19.89
C THR D 124 34.27 3.31 20.95
N SER D 125 34.82 4.35 21.58
CA SER D 125 34.08 5.08 22.61
C SER D 125 32.76 5.64 22.08
N THR D 126 32.76 6.28 20.92
CA THR D 126 31.57 6.94 20.38
C THR D 126 30.80 6.08 19.39
N ASP D 127 30.88 4.75 19.54
CA ASP D 127 30.13 3.78 18.74
C ASP D 127 29.06 3.11 19.60
N ARG D 128 27.95 2.72 18.97
CA ARG D 128 26.85 2.03 19.65
C ARG D 128 26.31 0.91 18.77
N TYR D 129 26.21 -0.28 19.33
CA TYR D 129 25.56 -1.43 18.72
C TYR D 129 24.13 -1.48 19.26
N MET D 130 23.19 -1.02 18.46
CA MET D 130 21.81 -0.91 18.91
C MET D 130 20.92 -1.88 18.16
N GLU D 131 19.70 -2.05 18.68
CA GLU D 131 18.72 -2.91 18.05
C GLU D 131 18.55 -2.55 16.58
N ASN D 132 18.99 -3.43 15.68
CA ASN D 132 18.88 -3.29 14.23
C ASN D 132 19.71 -2.16 13.64
N TYR D 133 20.53 -1.47 14.43
CA TYR D 133 21.26 -0.34 13.90
C TYR D 133 22.67 -0.30 14.45
N PHE D 134 23.61 0.13 13.62
CA PHE D 134 24.94 0.45 14.07
C PHE D 134 25.10 1.97 14.01
N ALA D 135 25.71 2.54 15.04
CA ALA D 135 25.88 3.99 15.17
C ALA D 135 27.35 4.30 15.40
N SER D 136 27.88 5.21 14.61
CA SER D 136 29.26 5.68 14.77
C SER D 136 29.24 7.18 14.72
N PHE D 137 29.91 7.83 15.67
CA PHE D 137 29.88 9.29 15.75
C PHE D 137 31.30 9.82 15.89
N ASN D 138 31.60 10.89 15.16
CA ASN D 138 32.90 11.55 15.34
C ASN D 138 32.71 12.94 15.96
N PRO D 139 33.13 13.14 17.22
CA PRO D 139 32.87 14.41 17.90
C PRO D 139 33.62 15.61 17.31
N LYS D 140 34.68 15.42 16.53
CA LYS D 140 35.35 16.57 15.91
C LYS D 140 34.70 17.01 14.61
N THR D 141 34.31 16.07 13.75
CA THR D 141 33.66 16.40 12.49
C THR D 141 32.14 16.53 12.61
N ARG D 142 31.57 16.14 13.75
CA ARG D 142 30.12 16.20 13.94
C ARG D 142 29.40 15.37 12.89
N THR D 143 29.96 14.19 12.58
CA THR D 143 29.42 13.31 11.56
C THR D 143 28.90 12.04 12.22
N LEU D 144 27.69 11.65 11.85
CA LEU D 144 26.99 10.49 12.39
C LEU D 144 26.70 9.49 11.28
N VAL D 145 27.09 8.24 11.51
CA VAL D 145 26.74 7.11 10.65
C VAL D 145 25.69 6.29 11.39
N LEU D 146 24.56 6.07 10.75
CA LEU D 146 23.50 5.15 11.21
C LEU D 146 23.22 4.16 10.11
N LEU D 147 23.54 2.89 10.37
CA LEU D 147 23.33 1.83 9.39
C LEU D 147 22.25 0.90 9.92
N LYS D 148 21.20 0.70 9.12
CA LYS D 148 20.10 -0.20 9.49
C LYS D 148 20.44 -1.61 9.01
N HIS D 149 21.03 -2.42 9.89
CA HIS D 149 21.46 -3.76 9.52
C HIS D 149 20.40 -4.82 9.75
N ASP D 150 19.37 -4.52 10.55
CA ASP D 150 18.24 -5.43 10.76
C ASP D 150 18.68 -6.79 11.32
N GLU D 151 19.80 -6.83 12.05
CA GLU D 151 20.25 -8.08 12.68
C GLU D 151 19.90 -8.13 14.16
N GLY D 152 19.23 -7.11 14.69
CA GLY D 152 18.71 -7.11 16.04
C GLY D 152 19.66 -7.55 17.14
N LEU D 153 20.61 -6.71 17.49
CA LEU D 153 21.52 -7.06 18.58
C LEU D 153 22.32 -8.31 18.39
N LEU D 154 22.17 -8.97 17.28
CA LEU D 154 23.07 -10.06 16.92
C LEU D 154 24.22 -9.53 16.09
N PHE D 155 24.22 -8.24 15.77
CA PHE D 155 25.29 -7.65 14.99
C PHE D 155 26.61 -7.77 15.74
N GLU D 156 27.66 -8.19 15.04
CA GLU D 156 28.95 -8.40 15.67
C GLU D 156 30.06 -7.53 15.11
N GLY D 157 29.72 -6.48 14.35
CA GLY D 157 30.72 -5.64 13.74
C GLY D 157 30.79 -5.77 12.24
N THR D 158 30.18 -6.80 11.67
CA THR D 158 30.13 -7.00 10.22
C THR D 158 28.75 -7.49 9.82
N LEU D 159 28.32 -7.08 8.64
CA LEU D 159 27.03 -7.48 8.08
C LEU D 159 27.11 -8.91 7.60
N LYS D 160 26.21 -9.75 8.10
CA LYS D 160 26.09 -11.13 7.66
C LYS D 160 25.10 -11.17 6.51
N VAL D 161 25.57 -11.53 5.32
CA VAL D 161 24.75 -11.51 4.12
C VAL D 161 24.62 -12.93 3.59
N ASN D 162 23.37 -13.36 3.35
CA ASN D 162 23.09 -14.71 2.86
C ASN D 162 21.71 -14.67 2.18
N GLY D 163 21.72 -14.21 0.93
CA GLY D 163 20.50 -13.97 0.18
C GLY D 163 20.39 -12.52 -0.26
N GLN D 164 19.16 -12.00 -0.23
CA GLN D 164 18.87 -10.61 -0.58
C GLN D 164 18.70 -9.80 0.70
N LYS D 165 19.45 -8.72 0.81
CA LYS D 165 19.28 -7.82 1.94
C LYS D 165 19.51 -6.39 1.48
N ARG D 166 18.74 -5.46 2.01
CA ARG D 166 18.91 -4.04 1.75
C ARG D 166 19.37 -3.33 3.02
N PHE D 167 20.43 -2.54 2.90
CA PHE D 167 20.93 -1.75 4.02
C PHE D 167 20.73 -0.27 3.69
N ILE D 168 20.11 0.43 4.62
CA ILE D 168 19.94 1.88 4.54
C ILE D 168 21.06 2.49 5.38
N VAL D 169 21.83 3.39 4.78
CA VAL D 169 22.99 3.99 5.43
C VAL D 169 22.80 5.51 5.46
N PHE D 170 22.74 6.07 6.66
CA PHE D 170 22.79 7.51 6.89
C PHE D 170 24.22 7.87 7.26
N MET D 171 24.75 8.91 6.64
CA MET D 171 26.11 9.36 6.87
C MET D 171 26.11 10.85 6.68
N GLY D 172 26.23 11.55 7.77
CA GLY D 172 26.11 12.98 7.69
C GLY D 172 25.84 13.67 9.01
N PRO D 173 25.36 14.90 8.94
CA PRO D 173 25.26 15.71 10.17
C PRO D 173 24.19 15.21 11.10
N ASN D 174 24.44 15.36 12.41
CA ASN D 174 23.45 14.98 13.39
C ASN D 174 22.23 15.90 13.33
N LYS D 175 21.29 15.59 12.45
CA LYS D 175 20.10 16.41 12.20
C LYS D 175 18.86 15.55 12.36
N ARG D 176 18.03 15.86 13.37
CA ARG D 176 16.91 14.98 13.71
C ARG D 176 15.88 14.87 12.59
N THR D 177 15.65 15.96 11.85
CA THR D 177 14.68 15.88 10.75
C THR D 177 15.12 14.87 9.71
N LEU D 178 16.43 14.79 9.44
CA LEU D 178 16.91 13.88 8.41
C LEU D 178 16.82 12.44 8.88
N ILE D 179 17.20 12.18 10.13
CA ILE D 179 17.04 10.86 10.73
C ILE D 179 15.58 10.44 10.74
N LYS D 180 14.67 11.37 11.03
CA LYS D 180 13.25 11.07 10.96
C LYS D 180 12.85 10.71 9.53
N LYS D 181 13.42 11.40 8.54
CA LYS D 181 13.01 11.13 7.17
C LYS D 181 13.54 9.79 6.68
N ALA D 182 14.75 9.40 7.11
CA ALA D 182 15.38 8.17 6.63
C ALA D 182 14.82 6.94 7.33
N PHE D 183 14.47 7.06 8.60
CA PHE D 183 14.02 5.92 9.41
C PHE D 183 12.74 6.33 10.11
N PRO D 184 11.64 6.43 9.37
CA PRO D 184 10.42 7.00 9.95
C PRO D 184 9.70 6.07 10.93
N GLU D 185 9.98 4.77 10.90
CA GLU D 185 9.33 3.85 11.84
C GLU D 185 10.03 3.79 13.19
N ASP D 186 11.34 4.00 13.24
CA ASP D 186 12.09 3.82 14.48
C ASP D 186 12.74 5.12 14.94
N TYR D 187 12.38 6.25 14.35
CA TYR D 187 13.16 7.47 14.58
C TYR D 187 13.15 7.87 16.06
N ASP D 188 12.05 7.63 16.77
CA ASP D 188 11.99 8.04 18.17
C ASP D 188 12.91 7.18 19.04
N VAL D 189 12.83 5.86 18.88
CA VAL D 189 13.72 4.95 19.60
C VAL D 189 15.17 5.24 19.27
N LEU D 190 15.48 5.45 17.98
CA LEU D 190 16.84 5.73 17.54
C LEU D 190 17.37 7.02 18.17
N ILE D 191 16.60 8.10 18.04
CA ILE D 191 17.09 9.39 18.50
C ILE D 191 17.25 9.40 20.01
N LYS D 192 16.33 8.77 20.74
CA LYS D 192 16.53 8.65 22.18
C LYS D 192 17.78 7.86 22.51
N ALA D 193 18.00 6.73 21.81
CA ALA D 193 19.19 5.92 22.10
C ALA D 193 20.49 6.68 21.83
N LEU D 194 20.50 7.59 20.85
CA LEU D 194 21.75 8.25 20.47
C LEU D 194 22.26 9.25 21.51
N VAL D 195 21.40 9.69 22.44
CA VAL D 195 21.82 10.58 23.52
C VAL D 195 22.96 9.98 24.34
N ASN D 196 23.06 8.66 24.38
CA ASN D 196 24.07 7.99 25.18
C ASN D 196 25.48 8.19 24.62
N ILE D 197 25.60 8.54 23.34
CA ILE D 197 26.89 8.88 22.73
C ILE D 197 27.24 10.30 23.17
N PRO D 198 28.53 10.63 23.40
CA PRO D 198 28.91 12.02 23.73
C PRO D 198 28.13 13.11 23.01
N GLY D 199 28.26 13.22 21.69
CA GLY D 199 27.44 14.17 20.96
C GLY D 199 27.95 15.58 21.10
#